data_8SGH
#
_entry.id   8SGH
#
_cell.length_a   1.00
_cell.length_b   1.00
_cell.length_c   1.00
_cell.angle_alpha   90.00
_cell.angle_beta   90.00
_cell.angle_gamma   90.00
#
_symmetry.space_group_name_H-M   'P 1'
#
loop_
_entity.id
_entity.type
_entity.pdbx_description
1 polymer Transportin-1
2 polymer 'Heterogeneous nuclear ribonucleoprotein H2, N-terminally processed'
#
loop_
_entity_poly.entity_id
_entity_poly.type
_entity_poly.pdbx_seq_one_letter_code
_entity_poly.pdbx_strand_id
1 'polypeptide(L)'
;GGSKMEYEWKPDEQGLQQILQLLKESQSPDTTIQRTVQQKLEQLNQYPDFNNYLIFVLTKLKSEDEPTRSLSGLILKNNV
KAHFQNFPNGVTDFIKSECLNNIGDSSPLIRATVGILITTIASKGELQNWPDLLPKLCSLLDSEDYNTCEGAFGALQKIC
EDSAEILDSDVLDRPLNIMIPKFLQFFKHSSPKIRSHAVACVNQFIISRTQALMLHIDSFIENLFALAGDEEPEVRKNVC
RALVMLLEVRMDRLLPHMHNIVEYMLQRTQDQDENVALEACEFWLTLAEQPICKDVLVRHLPKLIPVLVNGMKYSDIDII
LLKGDVEEDETIPDSEQDIRPRFHRSRTVAQQHDEDGIEEEDDDDDEIDDDDTISDWNLRKCSAAALDVLANVYRDELLP
HILPLLKELLFHHEWVVKESGILVLGAIAEGCMQGMIPYLPELIPHLIQCLSDKKALVRSITCWTLSRYAHWVVSQPPDT
YLKPLMTELLKRILDSNKRVQEAACSAFATLEEEACTELVPYLAYILDTLVFAFSKYQHKNLLILYDAIGTLADSVGHHL
NKPEYIQMLMPPLIQKWNMLKDEDKDLFPLLECLSSVATALQSGFLPYCEPVYQRCVNLVQKTLAQAMLNNAQPDQYEAP
DKDFMIVALDLLSGLAEGLGGNIEQLVARSNILTLMYQCMQDKMPEVRQSSFALLGDLTKACFQHVKPCIADFMPILGTN
LNPEFISVCNNATWAIGEISIQMGIEMQPYIPMVLHQLVEIINRPNTPKTLLENTAITIGRLGYVCPQEVAPMLQQFIRP
WCTSLRNIRDNEEKDSAFRGICTMISVNPSGVIQDFIFFCDAVASWINPKDDLRDMFCKILHGFKNQVGDENWRRFSDQF
PLPLKERLAAFYGV
;
A
2 'polypeptide(L)'
;GGSNSPDTANDGFVRLRGLPFGCSKEEIVQFFSGLEIVPNGMTLPVDFQGRSTGEAFVQFASQEIAEKALKKHKERIGHR
YIEIFKSSRAEVRTHYDPPRKLMAMQRPGPYDRPGAGRGYNSIGRG
;
B
#
# COMPACT_ATOMS: atom_id res chain seq x y z
N GLU A 8 51.58 -13.30 14.18
CA GLU A 8 51.18 -14.34 15.13
C GLU A 8 50.66 -13.74 16.43
N TRP A 9 49.77 -14.48 17.10
CA TRP A 9 49.26 -14.08 18.41
C TRP A 9 48.99 -15.36 19.19
N LYS A 10 49.07 -15.26 20.52
CA LYS A 10 48.87 -16.42 21.37
C LYS A 10 48.01 -16.08 22.57
N PRO A 11 47.15 -17.00 23.00
CA PRO A 11 46.40 -16.80 24.24
C PRO A 11 47.19 -17.25 25.46
N ASP A 12 46.85 -16.68 26.60
CA ASP A 12 47.32 -17.19 27.88
C ASP A 12 46.32 -18.21 28.40
N GLU A 13 46.85 -19.22 29.11
CA GLU A 13 46.07 -20.42 29.36
C GLU A 13 44.91 -20.17 30.32
N GLN A 14 45.16 -19.48 31.43
CA GLN A 14 44.09 -19.27 32.41
C GLN A 14 43.00 -18.37 31.87
N GLY A 15 43.37 -17.30 31.15
CA GLY A 15 42.36 -16.47 30.53
C GLY A 15 41.54 -17.23 29.50
N LEU A 16 42.23 -18.03 28.68
CA LEU A 16 41.53 -18.86 27.72
C LEU A 16 40.53 -19.75 28.43
N GLN A 17 40.99 -20.44 29.49
CA GLN A 17 40.14 -21.39 30.21
C GLN A 17 38.96 -20.71 30.87
N GLN A 18 39.15 -19.51 31.41
CA GLN A 18 38.03 -18.77 31.99
C GLN A 18 37.00 -18.42 30.91
N ILE A 19 37.48 -18.03 29.73
CA ILE A 19 36.55 -17.72 28.64
C ILE A 19 35.80 -18.97 28.20
N LEU A 20 36.50 -20.11 28.11
CA LEU A 20 35.83 -21.35 27.76
C LEU A 20 34.80 -21.76 28.81
N GLN A 21 35.11 -21.54 30.09
CA GLN A 21 34.15 -21.85 31.12
C GLN A 21 32.90 -20.98 30.98
N LEU A 22 33.09 -19.70 30.66
CA LEU A 22 31.93 -18.83 30.45
C LEU A 22 31.12 -19.30 29.24
N LEU A 23 31.79 -19.69 28.15
CA LEU A 23 31.07 -20.18 26.99
C LEU A 23 30.30 -21.46 27.31
N LYS A 24 30.90 -22.36 28.10
CA LYS A 24 30.19 -23.55 28.55
C LYS A 24 28.95 -23.18 29.35
N GLU A 25 29.11 -22.33 30.36
CA GLU A 25 28.00 -21.95 31.21
C GLU A 25 26.92 -21.19 30.44
N SER A 26 27.28 -20.59 29.31
CA SER A 26 26.29 -19.90 28.48
C SER A 26 25.25 -20.86 27.92
N GLN A 27 25.51 -22.16 27.96
CA GLN A 27 24.58 -23.17 27.47
C GLN A 27 23.67 -23.71 28.57
N SER A 28 23.75 -23.15 29.77
CA SER A 28 22.90 -23.60 30.85
C SER A 28 21.44 -23.27 30.54
N PRO A 29 20.50 -24.13 30.97
CA PRO A 29 19.07 -23.79 30.82
C PRO A 29 18.60 -22.71 31.79
N ASP A 30 19.38 -22.42 32.81
CA ASP A 30 18.97 -21.46 33.84
C ASP A 30 19.16 -20.05 33.32
N THR A 31 18.06 -19.28 33.26
CA THR A 31 18.15 -17.93 32.71
C THR A 31 19.01 -17.01 33.56
N THR A 32 19.09 -17.27 34.87
CA THR A 32 19.98 -16.46 35.71
C THR A 32 21.44 -16.72 35.36
N ILE A 33 21.80 -17.98 35.10
CA ILE A 33 23.16 -18.28 34.65
C ILE A 33 23.43 -17.59 33.33
N GLN A 34 22.47 -17.66 32.40
CA GLN A 34 22.62 -17.00 31.12
C GLN A 34 22.86 -15.50 31.29
N ARG A 35 22.03 -14.86 32.11
CA ARG A 35 22.16 -13.42 32.35
C ARG A 35 23.49 -13.08 32.98
N THR A 36 23.92 -13.85 33.99
CA THR A 36 25.14 -13.52 34.69
C THR A 36 26.38 -13.73 33.83
N VAL A 37 26.41 -14.82 33.04
CA VAL A 37 27.56 -15.01 32.18
C VAL A 37 27.53 -14.04 31.00
N GLN A 38 26.34 -13.65 30.53
CA GLN A 38 26.25 -12.58 29.56
C GLN A 38 26.82 -11.28 30.14
N GLN A 39 26.57 -11.03 31.42
CA GLN A 39 27.13 -9.85 32.07
C GLN A 39 28.65 -9.93 32.18
N LYS A 40 29.16 -11.09 32.60
CA LYS A 40 30.60 -11.30 32.63
C LYS A 40 31.22 -11.06 31.27
N LEU A 41 30.57 -11.57 30.21
CA LEU A 41 31.07 -11.39 28.86
C LEU A 41 31.00 -9.93 28.43
N GLU A 42 29.92 -9.24 28.75
CA GLU A 42 29.81 -7.83 28.40
C GLU A 42 30.89 -7.02 29.10
N GLN A 43 31.24 -7.41 30.32
CA GLN A 43 32.35 -6.77 31.03
C GLN A 43 33.68 -7.06 30.35
N LEU A 44 33.93 -8.34 30.07
CA LEU A 44 35.21 -8.74 29.47
C LEU A 44 35.39 -8.17 28.08
N ASN A 45 34.30 -7.83 27.40
CA ASN A 45 34.40 -7.16 26.11
C ASN A 45 35.29 -5.93 26.19
N GLN A 46 35.46 -5.38 27.40
CA GLN A 46 36.36 -4.25 27.60
C GLN A 46 37.81 -4.63 27.31
N TYR A 47 38.16 -5.89 27.51
CA TYR A 47 39.53 -6.33 27.27
C TYR A 47 39.86 -6.19 25.78
N PRO A 48 41.00 -5.59 25.42
CA PRO A 48 41.29 -5.37 23.99
C PRO A 48 41.28 -6.65 23.14
N ASP A 49 41.80 -7.77 23.65
CA ASP A 49 41.96 -8.98 22.87
C ASP A 49 40.90 -10.03 23.17
N PHE A 50 39.81 -9.65 23.86
CA PHE A 50 38.75 -10.61 24.15
C PHE A 50 38.19 -11.23 22.87
N ASN A 51 37.86 -10.38 21.89
CA ASN A 51 37.36 -10.89 20.63
C ASN A 51 38.38 -11.83 19.97
N ASN A 52 39.67 -11.61 20.22
CA ASN A 52 40.68 -12.46 19.60
C ASN A 52 40.68 -13.84 20.24
N TYR A 53 40.60 -13.93 21.57
CA TYR A 53 40.36 -15.21 22.21
C TYR A 53 39.10 -15.87 21.68
N LEU A 54 38.09 -15.07 21.39
CA LEU A 54 36.82 -15.65 20.96
C LEU A 54 36.99 -16.32 19.60
N ILE A 55 37.62 -15.63 18.66
CA ILE A 55 37.90 -16.28 17.38
C ILE A 55 38.80 -17.50 17.59
N PHE A 56 39.75 -17.40 18.53
CA PHE A 56 40.63 -18.52 18.78
C PHE A 56 39.85 -19.76 19.19
N VAL A 57 38.87 -19.61 20.10
CA VAL A 57 38.05 -20.75 20.46
C VAL A 57 37.31 -21.25 19.22
N LEU A 58 36.80 -20.33 18.39
CA LEU A 58 36.05 -20.79 17.23
C LEU A 58 36.91 -21.62 16.28
N THR A 59 38.22 -21.36 16.24
CA THR A 59 39.05 -21.89 15.16
C THR A 59 40.13 -22.88 15.59
N LYS A 60 40.93 -22.57 16.62
CA LYS A 60 42.07 -23.40 16.95
C LYS A 60 41.71 -24.55 17.88
N LEU A 61 40.71 -24.37 18.73
CA LEU A 61 40.30 -25.43 19.66
C LEU A 61 39.30 -26.34 18.95
N LYS A 62 39.84 -27.10 17.99
CA LYS A 62 39.05 -28.12 17.32
C LYS A 62 38.57 -29.18 18.30
N SER A 63 39.29 -29.36 19.41
CA SER A 63 38.91 -30.36 20.41
C SER A 63 37.63 -29.99 21.13
N GLU A 64 37.23 -28.72 21.12
CA GLU A 64 36.04 -28.29 21.82
C GLU A 64 34.79 -28.71 21.05
N ASP A 65 33.72 -29.00 21.78
CA ASP A 65 32.49 -29.45 21.16
C ASP A 65 31.88 -28.36 20.29
N GLU A 66 31.15 -28.78 19.27
CA GLU A 66 30.72 -27.89 18.20
C GLU A 66 29.69 -26.87 18.65
N PRO A 67 28.77 -27.19 19.57
CA PRO A 67 27.87 -26.15 20.07
C PRO A 67 28.59 -24.99 20.74
N THR A 68 29.59 -25.29 21.58
CA THR A 68 30.35 -24.24 22.24
C THR A 68 31.07 -23.36 21.23
N ARG A 69 31.74 -24.00 20.27
CA ARG A 69 32.44 -23.27 19.22
C ARG A 69 31.48 -22.41 18.42
N SER A 70 30.33 -22.97 18.08
CA SER A 70 29.35 -22.24 17.28
C SER A 70 28.83 -21.01 18.01
N LEU A 71 28.51 -21.16 19.30
CA LEU A 71 28.00 -20.00 20.03
C LEU A 71 29.10 -18.96 20.21
N SER A 72 30.34 -19.39 20.44
CA SER A 72 31.43 -18.43 20.49
C SER A 72 31.48 -17.61 19.21
N GLY A 73 31.37 -18.29 18.06
CA GLY A 73 31.36 -17.57 16.79
C GLY A 73 30.19 -16.60 16.67
N LEU A 74 28.99 -17.04 17.09
CA LEU A 74 27.81 -16.20 16.96
C LEU A 74 27.93 -14.92 17.80
N ILE A 75 28.39 -15.07 19.04
CA ILE A 75 28.58 -13.92 19.91
C ILE A 75 29.73 -13.04 19.43
N LEU A 76 30.76 -13.62 18.79
CA LEU A 76 31.75 -12.77 18.13
C LEU A 76 31.11 -11.97 17.01
N LYS A 77 30.16 -12.58 16.29
CA LYS A 77 29.46 -11.86 15.23
C LYS A 77 28.67 -10.69 15.81
N ASN A 78 28.01 -10.90 16.96
CA ASN A 78 27.30 -9.80 17.61
C ASN A 78 28.28 -8.69 18.03
N ASN A 79 29.40 -9.07 18.65
CA ASN A 79 30.40 -8.08 19.02
C ASN A 79 30.87 -7.31 17.80
N VAL A 80 31.05 -7.99 16.67
CA VAL A 80 31.43 -7.30 15.44
C VAL A 80 30.38 -6.25 15.11
N LYS A 81 29.13 -6.69 14.94
CA LYS A 81 28.08 -5.78 14.52
C LYS A 81 27.98 -4.57 15.44
N ALA A 82 28.28 -4.74 16.72
CA ALA A 82 28.13 -3.63 17.66
C ALA A 82 29.37 -2.74 17.77
N HIS A 83 30.58 -3.31 17.69
CA HIS A 83 31.78 -2.63 18.14
C HIS A 83 32.94 -2.67 17.15
N PHE A 84 32.75 -3.23 15.95
CA PHE A 84 33.87 -3.43 15.04
C PHE A 84 34.64 -2.14 14.78
N GLN A 85 33.94 -1.01 14.77
CA GLN A 85 34.58 0.26 14.48
C GLN A 85 35.65 0.64 15.50
N ASN A 86 35.65 0.03 16.68
CA ASN A 86 36.65 0.34 17.70
C ASN A 86 37.59 -0.83 18.00
N PHE A 87 37.61 -1.84 17.13
CA PHE A 87 38.59 -2.91 17.28
C PHE A 87 39.97 -2.40 16.85
N PRO A 88 41.03 -2.79 17.55
CA PRO A 88 42.38 -2.45 17.08
C PRO A 88 42.76 -3.25 15.85
N ASN A 89 43.78 -2.76 15.15
CA ASN A 89 44.15 -3.36 13.86
C ASN A 89 44.64 -4.79 14.04
N GLY A 90 45.41 -5.06 15.10
CA GLY A 90 46.00 -6.39 15.24
C GLY A 90 44.96 -7.48 15.32
N VAL A 91 43.98 -7.33 16.22
CA VAL A 91 42.97 -8.36 16.37
C VAL A 91 42.07 -8.42 15.13
N THR A 92 41.84 -7.29 14.46
CA THR A 92 41.05 -7.32 13.23
C THR A 92 41.75 -8.15 12.16
N ASP A 93 43.06 -7.94 12.00
CA ASP A 93 43.82 -8.73 11.03
C ASP A 93 43.82 -10.20 11.42
N PHE A 94 43.98 -10.49 12.71
CA PHE A 94 43.94 -11.87 13.15
C PHE A 94 42.59 -12.51 12.82
N ILE A 95 41.50 -11.81 13.09
CA ILE A 95 40.17 -12.33 12.77
C ILE A 95 40.07 -12.63 11.29
N LYS A 96 40.43 -11.65 10.45
CA LYS A 96 40.31 -11.83 9.00
C LYS A 96 41.10 -13.05 8.55
N SER A 97 42.39 -13.09 8.88
CA SER A 97 43.25 -14.16 8.39
C SER A 97 42.80 -15.51 8.91
N GLU A 98 42.47 -15.59 10.19
CA GLU A 98 42.13 -16.86 10.80
C GLU A 98 40.81 -17.41 10.28
N CYS A 99 39.78 -16.56 10.18
CA CYS A 99 38.51 -17.05 9.67
C CYS A 99 38.64 -17.45 8.21
N LEU A 100 39.48 -16.77 7.43
CA LEU A 100 39.73 -17.27 6.07
C LEU A 100 40.51 -18.57 6.09
N ASN A 101 41.33 -18.80 7.12
CA ASN A 101 42.05 -20.07 7.22
C ASN A 101 41.11 -21.21 7.56
N ASN A 102 40.01 -20.94 8.26
CA ASN A 102 39.08 -21.99 8.68
C ASN A 102 37.74 -21.92 7.96
N ILE A 103 37.67 -21.25 6.81
CA ILE A 103 36.42 -21.21 6.06
C ILE A 103 36.03 -22.59 5.55
N GLY A 104 36.96 -23.54 5.55
CA GLY A 104 36.69 -24.87 5.03
C GLY A 104 36.64 -25.96 6.09
N ASP A 105 36.38 -25.59 7.34
CA ASP A 105 36.39 -26.56 8.42
C ASP A 105 35.31 -27.62 8.20
N SER A 106 35.54 -28.80 8.76
CA SER A 106 34.73 -29.97 8.42
C SER A 106 33.28 -29.78 8.81
N SER A 107 33.03 -29.42 10.07
CA SER A 107 31.66 -29.38 10.56
C SER A 107 30.85 -28.36 9.78
N PRO A 108 29.68 -28.73 9.24
CA PRO A 108 28.83 -27.72 8.58
C PRO A 108 28.41 -26.60 9.50
N LEU A 109 28.27 -26.87 10.80
CA LEU A 109 27.87 -25.83 11.74
C LEU A 109 28.98 -24.79 11.90
N ILE A 110 30.22 -25.26 12.10
CA ILE A 110 31.36 -24.36 12.19
C ILE A 110 31.48 -23.56 10.90
N ARG A 111 31.31 -24.22 9.76
CA ARG A 111 31.45 -23.53 8.48
C ARG A 111 30.35 -22.50 8.29
N ALA A 112 29.15 -22.76 8.77
CA ALA A 112 28.07 -21.76 8.68
C ALA A 112 28.37 -20.56 9.57
N THR A 113 28.82 -20.80 10.81
CA THR A 113 29.13 -19.69 11.70
C THR A 113 30.27 -18.85 11.12
N VAL A 114 31.30 -19.49 10.58
CA VAL A 114 32.39 -18.76 9.96
C VAL A 114 31.89 -17.99 8.74
N GLY A 115 30.96 -18.57 7.99
CA GLY A 115 30.39 -17.86 6.86
C GLY A 115 29.72 -16.56 7.27
N ILE A 116 28.86 -16.63 8.28
CA ILE A 116 28.18 -15.40 8.70
C ILE A 116 29.18 -14.43 9.34
N LEU A 117 30.19 -14.94 10.04
CA LEU A 117 31.19 -14.05 10.62
C LEU A 117 31.93 -13.27 9.54
N ILE A 118 32.37 -13.97 8.49
CA ILE A 118 33.02 -13.29 7.37
C ILE A 118 32.07 -12.29 6.72
N THR A 119 30.82 -12.70 6.52
CA THR A 119 29.86 -11.82 5.88
C THR A 119 29.66 -10.54 6.69
N THR A 120 29.55 -10.67 8.01
CA THR A 120 29.30 -9.50 8.84
C THR A 120 30.55 -8.64 9.00
N ILE A 121 31.74 -9.24 8.99
CA ILE A 121 32.96 -8.44 8.94
C ILE A 121 32.97 -7.60 7.67
N ALA A 122 32.68 -8.23 6.52
CA ALA A 122 32.74 -7.52 5.26
C ALA A 122 31.65 -6.46 5.16
N SER A 123 30.47 -6.73 5.70
CA SER A 123 29.38 -5.76 5.63
C SER A 123 29.57 -4.60 6.60
N LYS A 124 30.05 -4.91 7.82
CA LYS A 124 30.26 -3.87 8.82
C LYS A 124 31.31 -2.87 8.35
N GLY A 125 32.47 -3.36 7.93
CA GLY A 125 33.41 -2.54 7.22
C GLY A 125 33.01 -2.39 5.77
N GLU A 126 33.72 -1.50 5.07
CA GLU A 126 33.58 -1.43 3.63
C GLU A 126 34.51 -2.44 2.97
N LEU A 127 34.06 -2.97 1.83
CA LEU A 127 34.84 -4.00 1.15
C LEU A 127 36.27 -3.52 0.87
N GLN A 128 36.44 -2.21 0.68
CA GLN A 128 37.77 -1.65 0.50
C GLN A 128 38.58 -1.62 1.79
N ASN A 129 37.97 -1.93 2.94
CA ASN A 129 38.73 -2.19 4.15
C ASN A 129 39.31 -3.60 4.18
N TRP A 130 38.90 -4.45 3.23
CA TRP A 130 39.36 -5.84 3.17
C TRP A 130 39.52 -6.20 1.70
N PRO A 131 40.34 -5.45 0.97
CA PRO A 131 40.33 -5.55 -0.50
C PRO A 131 40.67 -6.93 -1.04
N ASP A 132 41.48 -7.70 -0.33
CA ASP A 132 41.89 -9.02 -0.81
C ASP A 132 40.80 -10.07 -0.64
N LEU A 133 39.68 -9.74 0.01
CA LEU A 133 38.68 -10.75 0.35
C LEU A 133 38.11 -11.39 -0.91
N LEU A 134 37.64 -10.58 -1.86
CA LEU A 134 37.01 -11.15 -3.05
C LEU A 134 38.01 -11.96 -3.88
N PRO A 135 39.22 -11.46 -4.16
CA PRO A 135 40.19 -12.34 -4.83
C PRO A 135 40.46 -13.62 -4.07
N LYS A 136 40.53 -13.55 -2.73
CA LYS A 136 40.75 -14.76 -1.94
C LYS A 136 39.63 -15.76 -2.16
N LEU A 137 38.39 -15.32 -2.03
CA LEU A 137 37.27 -16.24 -2.18
C LEU A 137 37.19 -16.80 -3.61
N CYS A 138 37.42 -15.94 -4.60
CA CYS A 138 37.39 -16.40 -5.99
C CYS A 138 38.45 -17.47 -6.22
N SER A 139 39.67 -17.22 -5.77
CA SER A 139 40.73 -18.21 -5.97
C SER A 139 40.48 -19.46 -5.14
N LEU A 140 39.82 -19.33 -4.00
CA LEU A 140 39.54 -20.47 -3.13
C LEU A 140 38.42 -21.34 -3.68
N LEU A 141 37.55 -20.78 -4.52
CA LEU A 141 36.55 -21.61 -5.20
C LEU A 141 37.20 -22.75 -5.98
N ASP A 142 38.41 -22.53 -6.49
CA ASP A 142 39.11 -23.55 -7.26
C ASP A 142 39.76 -24.62 -6.38
N SER A 143 39.37 -24.69 -5.10
CA SER A 143 39.97 -25.65 -4.20
C SER A 143 39.74 -27.08 -4.68
N GLU A 144 40.74 -27.94 -4.49
CA GLU A 144 40.52 -29.37 -4.67
C GLU A 144 39.73 -29.95 -3.52
N ASP A 145 39.96 -29.44 -2.30
CA ASP A 145 39.15 -29.85 -1.17
C ASP A 145 37.72 -29.34 -1.34
N TYR A 146 36.75 -30.20 -1.04
CA TYR A 146 35.35 -29.82 -1.24
C TYR A 146 34.91 -28.77 -0.23
N ASN A 147 35.26 -28.97 1.04
CA ASN A 147 34.67 -28.13 2.09
C ASN A 147 35.09 -26.68 1.94
N THR A 148 36.36 -26.43 1.60
CA THR A 148 36.76 -25.04 1.36
C THR A 148 35.96 -24.43 0.23
N CYS A 149 35.77 -25.18 -0.86
CA CYS A 149 34.97 -24.68 -1.98
C CYS A 149 33.56 -24.33 -1.52
N GLU A 150 32.93 -25.25 -0.80
CA GLU A 150 31.54 -25.04 -0.39
C GLU A 150 31.39 -23.85 0.54
N GLY A 151 32.28 -23.74 1.53
CA GLY A 151 32.23 -22.61 2.44
C GLY A 151 32.51 -21.30 1.74
N ALA A 152 33.50 -21.29 0.83
CA ALA A 152 33.80 -20.09 0.07
C ALA A 152 32.58 -19.64 -0.71
N PHE A 153 31.92 -20.57 -1.41
CA PHE A 153 30.76 -20.17 -2.20
C PHE A 153 29.60 -19.73 -1.31
N GLY A 154 29.43 -20.34 -0.13
CA GLY A 154 28.37 -19.90 0.76
C GLY A 154 28.58 -18.48 1.24
N ALA A 155 29.78 -18.18 1.73
CA ALA A 155 30.07 -16.83 2.16
C ALA A 155 29.96 -15.85 1.01
N LEU A 156 30.33 -16.30 -0.20
CA LEU A 156 30.18 -15.44 -1.38
C LEU A 156 28.71 -15.14 -1.64
N GLN A 157 27.84 -16.14 -1.52
CA GLN A 157 26.41 -15.90 -1.69
C GLN A 157 25.91 -14.90 -0.67
N LYS A 158 26.31 -15.06 0.59
CA LYS A 158 25.83 -14.12 1.60
C LYS A 158 26.34 -12.70 1.31
N ILE A 159 27.59 -12.57 0.86
CA ILE A 159 28.12 -11.26 0.53
C ILE A 159 27.34 -10.64 -0.62
N CYS A 160 27.09 -11.42 -1.67
CA CYS A 160 26.35 -10.89 -2.81
C CYS A 160 24.94 -10.47 -2.42
N GLU A 161 24.32 -11.21 -1.51
CA GLU A 161 22.98 -10.82 -1.07
C GLU A 161 23.01 -9.54 -0.25
N ASP A 162 23.99 -9.41 0.65
CA ASP A 162 24.05 -8.25 1.52
C ASP A 162 24.61 -7.02 0.82
N SER A 163 25.48 -7.20 -0.16
CA SER A 163 26.36 -6.12 -0.64
C SER A 163 26.38 -6.03 -2.16
N ALA A 164 25.22 -6.23 -2.81
CA ALA A 164 25.19 -6.19 -4.26
C ALA A 164 25.59 -4.81 -4.78
N GLU A 165 25.07 -3.74 -4.18
CA GLU A 165 25.32 -2.40 -4.71
C GLU A 165 26.79 -2.02 -4.59
N ILE A 166 27.41 -2.32 -3.45
CA ILE A 166 28.82 -1.97 -3.27
C ILE A 166 29.69 -2.76 -4.24
N LEU A 167 29.32 -4.01 -4.51
CA LEU A 167 30.04 -4.77 -5.52
C LEU A 167 29.84 -4.18 -6.91
N ASP A 168 28.65 -3.63 -7.18
CA ASP A 168 28.40 -3.01 -8.47
C ASP A 168 29.13 -1.69 -8.64
N SER A 169 29.54 -1.05 -7.54
CA SER A 169 30.24 0.22 -7.63
C SER A 169 31.67 0.00 -8.12
N ASP A 170 32.34 1.11 -8.41
CA ASP A 170 33.74 1.07 -8.83
C ASP A 170 34.62 0.51 -7.72
N VAL A 171 34.09 0.44 -6.50
CA VAL A 171 34.78 -0.10 -5.34
C VAL A 171 35.40 -1.46 -5.68
N LEU A 172 36.71 -1.59 -5.40
CA LEU A 172 37.57 -2.71 -5.84
C LEU A 172 37.43 -3.02 -7.33
N ASP A 173 37.50 -1.99 -8.16
CA ASP A 173 37.79 -2.12 -9.59
C ASP A 173 36.87 -3.13 -10.26
N ARG A 174 35.56 -2.89 -10.16
CA ARG A 174 34.59 -3.75 -10.82
C ARG A 174 34.92 -5.21 -10.56
N PRO A 175 34.83 -5.69 -9.32
CA PRO A 175 35.16 -7.11 -9.07
C PRO A 175 34.29 -8.04 -9.89
N LEU A 176 33.02 -7.68 -10.06
CA LEU A 176 32.07 -8.58 -10.70
C LEU A 176 32.53 -8.99 -12.10
N ASN A 177 33.30 -8.13 -12.77
CA ASN A 177 33.70 -8.44 -14.13
C ASN A 177 34.50 -9.73 -14.21
N ILE A 178 35.06 -10.21 -13.09
CA ILE A 178 35.72 -11.51 -13.08
C ILE A 178 34.84 -12.53 -12.37
N MET A 179 34.02 -12.08 -11.42
CA MET A 179 33.26 -13.06 -10.63
C MET A 179 32.15 -13.69 -11.44
N ILE A 180 31.40 -12.89 -12.20
CA ILE A 180 30.26 -13.44 -12.94
C ILE A 180 30.70 -14.53 -13.90
N PRO A 181 31.75 -14.37 -14.70
CA PRO A 181 32.25 -15.51 -15.48
C PRO A 181 32.63 -16.70 -14.62
N LYS A 182 33.18 -16.45 -13.43
CA LYS A 182 33.49 -17.56 -12.52
C LYS A 182 32.24 -18.29 -12.10
N PHE A 183 31.24 -17.57 -11.57
CA PHE A 183 30.03 -18.23 -11.09
C PHE A 183 29.37 -19.02 -12.20
N LEU A 184 29.24 -18.43 -13.39
CA LEU A 184 28.64 -19.16 -14.50
C LEU A 184 29.42 -20.43 -14.79
N GLN A 185 30.75 -20.35 -14.74
CA GLN A 185 31.57 -21.53 -15.00
C GLN A 185 31.25 -22.64 -14.01
N PHE A 186 30.78 -22.30 -12.82
CA PHE A 186 30.46 -23.29 -11.79
C PHE A 186 29.03 -23.78 -11.86
N PHE A 187 28.22 -23.32 -12.81
CA PHE A 187 26.94 -23.99 -13.05
C PHE A 187 27.15 -25.45 -13.42
N LYS A 188 28.32 -25.79 -13.96
CA LYS A 188 28.63 -27.15 -14.38
C LYS A 188 29.06 -28.05 -13.23
N HIS A 189 29.22 -27.52 -12.03
CA HIS A 189 29.89 -28.26 -10.97
C HIS A 189 29.10 -29.51 -10.59
N SER A 190 29.83 -30.53 -10.16
CA SER A 190 29.22 -31.85 -9.94
C SER A 190 28.27 -31.83 -8.74
N SER A 191 28.65 -31.15 -7.67
CA SER A 191 27.87 -31.20 -6.43
C SER A 191 26.63 -30.30 -6.56
N PRO A 192 25.44 -30.81 -6.21
CA PRO A 192 24.24 -29.97 -6.32
C PRO A 192 24.29 -28.72 -5.46
N LYS A 193 24.86 -28.80 -4.25
CA LYS A 193 24.89 -27.65 -3.36
C LYS A 193 25.70 -26.52 -3.97
N ILE A 194 26.82 -26.84 -4.62
CA ILE A 194 27.64 -25.83 -5.28
C ILE A 194 26.84 -25.16 -6.39
N ARG A 195 26.10 -25.95 -7.18
CA ARG A 195 25.31 -25.37 -8.25
C ARG A 195 24.25 -24.43 -7.69
N SER A 196 23.61 -24.83 -6.58
CA SER A 196 22.62 -23.97 -5.96
C SER A 196 23.24 -22.65 -5.53
N HIS A 197 24.42 -22.71 -4.89
CA HIS A 197 25.10 -21.47 -4.52
C HIS A 197 25.40 -20.62 -5.74
N ALA A 198 25.84 -21.24 -6.83
CA ALA A 198 26.22 -20.48 -8.02
C ALA A 198 25.01 -19.72 -8.57
N VAL A 199 23.88 -20.40 -8.73
CA VAL A 199 22.71 -19.70 -9.26
C VAL A 199 22.23 -18.65 -8.28
N ALA A 200 22.31 -18.95 -6.97
CA ALA A 200 21.87 -17.97 -5.98
C ALA A 200 22.71 -16.70 -6.05
N CYS A 201 24.02 -16.84 -6.23
CA CYS A 201 24.88 -15.67 -6.38
C CYS A 201 24.53 -14.89 -7.64
N VAL A 202 24.44 -15.58 -8.78
CA VAL A 202 24.20 -14.85 -10.02
C VAL A 202 22.86 -14.12 -9.98
N ASN A 203 21.86 -14.69 -9.29
CA ASN A 203 20.54 -14.08 -9.29
C ASN A 203 20.55 -12.68 -8.71
N GLN A 204 21.46 -12.39 -7.78
CA GLN A 204 21.45 -11.09 -7.12
C GLN A 204 21.68 -9.94 -8.08
N PHE A 205 22.23 -10.21 -9.27
CA PHE A 205 22.66 -9.16 -10.18
C PHE A 205 21.81 -9.09 -11.44
N ILE A 206 20.62 -9.68 -11.43
CA ILE A 206 19.72 -9.58 -12.58
C ILE A 206 18.94 -8.27 -12.54
N ILE A 207 18.26 -8.02 -11.42
CA ILE A 207 17.37 -6.86 -11.33
C ILE A 207 18.17 -5.56 -11.41
N SER A 208 19.41 -5.57 -10.91
CA SER A 208 20.26 -4.40 -11.01
C SER A 208 20.73 -4.14 -12.44
N ARG A 209 20.55 -5.11 -13.35
N ARG A 209 20.51 -5.07 -13.36
CA ARG A 209 21.01 -5.00 -14.73
CA ARG A 209 20.98 -4.96 -14.73
C ARG A 209 22.49 -4.65 -14.72
C ARG A 209 22.49 -4.66 -14.76
N THR A 210 23.23 -5.39 -13.93
CA THR A 210 24.66 -5.17 -13.79
C THR A 210 25.36 -5.56 -15.08
N GLN A 211 26.25 -4.68 -15.55
CA GLN A 211 26.89 -4.88 -16.85
C GLN A 211 27.65 -6.19 -16.91
N ALA A 212 28.34 -6.55 -15.82
CA ALA A 212 29.14 -7.77 -15.83
C ALA A 212 28.29 -8.98 -16.19
N LEU A 213 27.01 -8.96 -15.84
CA LEU A 213 26.08 -10.03 -16.19
C LEU A 213 25.41 -9.80 -17.54
N MET A 214 24.93 -8.57 -17.79
CA MET A 214 24.23 -8.30 -19.03
C MET A 214 25.15 -8.38 -20.24
N LEU A 215 26.47 -8.33 -20.02
CA LEU A 215 27.42 -8.64 -21.08
C LEU A 215 27.49 -10.13 -21.36
N HIS A 216 26.82 -10.97 -20.55
CA HIS A 216 26.97 -12.42 -20.64
C HIS A 216 25.63 -13.13 -20.58
N ILE A 217 24.51 -12.43 -20.82
CA ILE A 217 23.20 -13.04 -20.63
C ILE A 217 23.01 -14.24 -21.53
N ASP A 218 23.61 -14.24 -22.72
CA ASP A 218 23.49 -15.39 -23.60
C ASP A 218 24.05 -16.65 -22.95
N SER A 219 25.28 -16.57 -22.46
CA SER A 219 25.88 -17.71 -21.76
C SER A 219 25.07 -18.03 -20.51
N PHE A 220 24.59 -17.01 -19.81
CA PHE A 220 23.84 -17.23 -18.58
C PHE A 220 22.60 -18.08 -18.85
N ILE A 221 21.79 -17.68 -19.83
CA ILE A 221 20.56 -18.41 -20.12
C ILE A 221 20.87 -19.79 -20.71
N GLU A 222 21.93 -19.90 -21.52
CA GLU A 222 22.28 -21.21 -22.04
C GLU A 222 22.60 -22.18 -20.91
N ASN A 223 23.46 -21.76 -19.98
CA ASN A 223 23.79 -22.62 -18.85
C ASN A 223 22.58 -22.82 -17.94
N LEU A 224 21.69 -21.84 -17.87
CA LEU A 224 20.50 -21.96 -17.03
C LEU A 224 19.56 -23.03 -17.57
N PHE A 225 19.39 -23.08 -18.89
CA PHE A 225 18.58 -24.14 -19.48
C PHE A 225 19.28 -25.49 -19.40
N ALA A 226 20.61 -25.50 -19.57
CA ALA A 226 21.34 -26.75 -19.35
C ALA A 226 21.14 -27.26 -17.93
N LEU A 227 20.93 -26.34 -16.98
CA LEU A 227 20.75 -26.67 -15.58
C LEU A 227 19.29 -26.96 -15.21
N ALA A 228 18.36 -26.77 -16.14
CA ALA A 228 16.94 -26.81 -15.78
C ALA A 228 16.51 -28.17 -15.26
N GLY A 229 17.13 -29.24 -15.74
CA GLY A 229 16.64 -30.58 -15.44
C GLY A 229 17.15 -31.15 -14.12
N ASP A 230 17.66 -30.30 -13.25
CA ASP A 230 18.29 -30.78 -12.03
C ASP A 230 17.28 -31.43 -11.08
N GLU A 231 17.74 -32.47 -10.38
CA GLU A 231 16.94 -33.14 -9.37
C GLU A 231 16.85 -32.35 -8.07
N GLU A 232 17.83 -31.50 -7.79
CA GLU A 232 17.91 -30.85 -6.49
C GLU A 232 16.82 -29.79 -6.34
N PRO A 233 16.00 -29.86 -5.29
CA PRO A 233 14.96 -28.82 -5.12
C PRO A 233 15.52 -27.40 -5.00
N GLU A 234 16.66 -27.22 -4.35
CA GLU A 234 17.23 -25.88 -4.23
C GLU A 234 17.59 -25.33 -5.60
N VAL A 235 18.18 -26.16 -6.46
CA VAL A 235 18.57 -25.72 -7.79
C VAL A 235 17.34 -25.31 -8.58
N ARG A 236 16.28 -26.10 -8.53
CA ARG A 236 15.06 -25.76 -9.25
C ARG A 236 14.44 -24.48 -8.71
N LYS A 237 14.44 -24.32 -7.38
CA LYS A 237 13.97 -23.08 -6.78
C LYS A 237 14.71 -21.88 -7.37
N ASN A 238 16.04 -21.93 -7.36
CA ASN A 238 16.80 -20.78 -7.81
C ASN A 238 16.68 -20.57 -9.31
N VAL A 239 16.53 -21.65 -10.09
CA VAL A 239 16.33 -21.50 -11.52
C VAL A 239 15.00 -20.80 -11.80
N CYS A 240 13.94 -21.20 -11.12
CA CYS A 240 12.66 -20.52 -11.29
C CYS A 240 12.77 -19.05 -10.90
N ARG A 241 13.47 -18.76 -9.81
CA ARG A 241 13.64 -17.37 -9.39
C ARG A 241 14.37 -16.58 -10.46
N ALA A 242 15.44 -17.15 -11.01
CA ALA A 242 16.21 -16.49 -12.05
C ALA A 242 15.34 -16.20 -13.26
N LEU A 243 14.51 -17.16 -13.67
CA LEU A 243 13.68 -16.93 -14.85
C LEU A 243 12.62 -15.88 -14.59
N VAL A 244 12.07 -15.82 -13.37
CA VAL A 244 11.13 -14.74 -13.05
C VAL A 244 11.81 -13.39 -13.22
N MET A 245 12.98 -13.23 -12.60
CA MET A 245 13.67 -11.95 -12.68
C MET A 245 14.03 -11.61 -14.14
N LEU A 246 14.49 -12.61 -14.89
CA LEU A 246 14.90 -12.34 -16.27
C LEU A 246 13.70 -11.97 -17.12
N LEU A 247 12.55 -12.59 -16.87
CA LEU A 247 11.32 -12.16 -17.53
C LEU A 247 11.08 -10.69 -17.27
N GLU A 248 11.18 -10.27 -16.02
CA GLU A 248 10.88 -8.86 -15.74
C GLU A 248 11.91 -7.92 -16.36
N VAL A 249 13.17 -8.36 -16.51
CA VAL A 249 14.20 -7.45 -16.99
C VAL A 249 14.57 -7.66 -18.45
N ARG A 250 15.21 -8.78 -18.76
CA ARG A 250 15.70 -9.03 -20.12
C ARG A 250 14.76 -9.98 -20.85
N MET A 251 13.52 -9.50 -21.03
CA MET A 251 12.48 -10.35 -21.58
C MET A 251 12.74 -10.69 -23.04
N ASP A 252 13.47 -9.84 -23.76
CA ASP A 252 13.70 -10.10 -25.18
C ASP A 252 14.40 -11.44 -25.38
N ARG A 253 15.44 -11.70 -24.59
CA ARG A 253 16.20 -12.94 -24.77
C ARG A 253 15.36 -14.16 -24.40
N LEU A 254 14.58 -14.07 -23.32
CA LEU A 254 13.71 -15.18 -22.95
C LEU A 254 12.61 -15.41 -23.98
N LEU A 255 12.22 -14.35 -24.70
CA LEU A 255 11.06 -14.45 -25.57
C LEU A 255 11.19 -15.52 -26.65
N PRO A 256 12.33 -15.64 -27.35
CA PRO A 256 12.44 -16.74 -28.33
C PRO A 256 12.13 -18.10 -27.75
N HIS A 257 12.51 -18.36 -26.50
CA HIS A 257 12.33 -19.65 -25.85
C HIS A 257 11.12 -19.65 -24.92
N MET A 258 10.15 -18.77 -25.16
CA MET A 258 9.08 -18.57 -24.18
C MET A 258 8.16 -19.77 -24.09
N HIS A 259 7.95 -20.49 -25.20
CA HIS A 259 7.08 -21.65 -25.16
C HIS A 259 7.68 -22.75 -24.28
N ASN A 260 8.95 -23.07 -24.51
CA ASN A 260 9.60 -24.08 -23.67
C ASN A 260 9.75 -23.62 -22.23
N ILE A 261 10.05 -22.34 -22.01
CA ILE A 261 10.14 -21.85 -20.64
C ILE A 261 8.79 -21.96 -19.95
N VAL A 262 7.71 -21.66 -20.66
CA VAL A 262 6.38 -21.74 -20.08
C VAL A 262 6.04 -23.17 -19.73
N GLU A 263 6.33 -24.11 -20.63
CA GLU A 263 6.04 -25.52 -20.33
C GLU A 263 6.85 -26.00 -19.13
N TYR A 264 8.14 -25.69 -19.10
CA TYR A 264 8.97 -26.13 -17.97
C TYR A 264 8.49 -25.50 -16.68
N MET A 265 8.08 -24.23 -16.73
CA MET A 265 7.66 -23.54 -15.53
C MET A 265 6.30 -24.00 -15.05
N LEU A 266 5.43 -24.45 -15.96
CA LEU A 266 4.19 -25.09 -15.53
C LEU A 266 4.49 -26.42 -14.84
N GLN A 267 5.40 -27.20 -15.42
CA GLN A 267 5.84 -28.42 -14.76
C GLN A 267 6.35 -28.12 -13.35
N ARG A 268 7.12 -27.06 -13.19
CA ARG A 268 7.56 -26.64 -11.87
C ARG A 268 6.40 -26.17 -11.00
N THR A 269 5.40 -25.53 -11.60
CA THR A 269 4.22 -25.14 -10.84
C THR A 269 3.55 -26.35 -10.22
N GLN A 270 3.66 -27.50 -10.87
CA GLN A 270 3.16 -28.74 -10.29
C GLN A 270 4.21 -29.47 -9.45
N ASP A 271 5.33 -28.84 -9.13
CA ASP A 271 6.41 -29.53 -8.44
C ASP A 271 5.96 -30.02 -7.08
N GLN A 272 6.55 -31.14 -6.65
CA GLN A 272 6.21 -31.75 -5.37
C GLN A 272 6.65 -30.87 -4.20
N ASP A 273 7.77 -30.17 -4.34
CA ASP A 273 8.24 -29.27 -3.29
C ASP A 273 7.44 -27.97 -3.33
N GLU A 274 6.92 -27.56 -2.17
CA GLU A 274 6.05 -26.39 -2.13
C GLU A 274 6.80 -25.10 -2.46
N ASN A 275 8.07 -24.99 -2.05
CA ASN A 275 8.82 -23.77 -2.34
C ASN A 275 9.06 -23.62 -3.84
N VAL A 276 9.43 -24.71 -4.51
CA VAL A 276 9.61 -24.67 -5.97
C VAL A 276 8.31 -24.24 -6.63
N ALA A 277 7.19 -24.79 -6.17
CA ALA A 277 5.89 -24.42 -6.74
C ALA A 277 5.61 -22.95 -6.55
N LEU A 278 5.91 -22.40 -5.37
CA LEU A 278 5.65 -20.99 -5.11
C LEU A 278 6.49 -20.11 -6.04
N GLU A 279 7.79 -20.42 -6.15
CA GLU A 279 8.62 -19.69 -7.09
C GLU A 279 8.05 -19.76 -8.50
N ALA A 280 7.53 -20.92 -8.88
CA ALA A 280 6.94 -21.05 -10.21
C ALA A 280 5.73 -20.14 -10.38
N CYS A 281 4.87 -20.08 -9.35
CA CYS A 281 3.67 -19.26 -9.45
C CYS A 281 4.02 -17.79 -9.64
N GLU A 282 5.10 -17.35 -8.98
CA GLU A 282 5.56 -15.99 -9.23
C GLU A 282 5.78 -15.74 -10.72
N PHE A 283 6.14 -16.78 -11.47
CA PHE A 283 6.30 -16.63 -12.91
C PHE A 283 4.99 -16.22 -13.57
N TRP A 284 3.88 -16.87 -13.20
CA TRP A 284 2.60 -16.50 -13.80
C TRP A 284 2.22 -15.07 -13.43
N LEU A 285 2.42 -14.72 -12.16
CA LEU A 285 2.11 -13.34 -11.76
C LEU A 285 2.90 -12.34 -12.59
N THR A 286 4.21 -12.55 -12.73
CA THR A 286 5.03 -11.56 -13.43
C THR A 286 4.76 -11.56 -14.92
N LEU A 287 4.53 -12.73 -15.52
CA LEU A 287 4.25 -12.79 -16.94
C LEU A 287 2.94 -12.08 -17.27
N ALA A 288 1.92 -12.26 -16.44
CA ALA A 288 0.65 -11.61 -16.71
C ALA A 288 0.79 -10.09 -16.74
N GLU A 289 1.85 -9.54 -16.15
CA GLU A 289 2.07 -8.10 -16.16
C GLU A 289 2.77 -7.63 -17.43
N GLN A 290 3.41 -8.52 -18.17
CA GLN A 290 4.07 -8.11 -19.41
C GLN A 290 3.04 -7.97 -20.53
N PRO A 291 3.17 -6.95 -21.40
CA PRO A 291 2.16 -6.75 -22.44
C PRO A 291 2.00 -7.92 -23.40
N ILE A 292 3.01 -8.76 -23.56
CA ILE A 292 2.96 -9.84 -24.55
C ILE A 292 2.21 -11.06 -24.06
N CYS A 293 1.76 -11.07 -22.81
CA CYS A 293 1.22 -12.30 -22.23
C CYS A 293 0.00 -12.78 -22.99
N LYS A 294 -0.93 -11.88 -23.33
CA LYS A 294 -2.18 -12.29 -23.94
C LYS A 294 -1.99 -12.91 -25.33
N ASP A 295 -0.76 -12.99 -25.83
CA ASP A 295 -0.47 -13.63 -27.11
C ASP A 295 0.38 -14.89 -26.97
N VAL A 296 1.23 -14.96 -25.95
CA VAL A 296 2.16 -16.06 -25.83
C VAL A 296 1.58 -17.21 -25.02
N LEU A 297 0.74 -16.92 -24.04
CA LEU A 297 0.30 -17.91 -23.08
C LEU A 297 -1.05 -18.55 -23.44
N VAL A 298 -1.73 -18.04 -24.47
CA VAL A 298 -3.10 -18.50 -24.75
C VAL A 298 -3.11 -20.01 -24.99
N ARG A 299 -2.19 -20.50 -25.82
CA ARG A 299 -2.17 -21.91 -26.16
C ARG A 299 -2.03 -22.80 -24.92
N HIS A 300 -1.50 -22.25 -23.83
CA HIS A 300 -1.25 -23.02 -22.62
C HIS A 300 -2.35 -22.88 -21.59
N LEU A 301 -3.36 -22.04 -21.82
CA LEU A 301 -4.43 -21.88 -20.84
C LEU A 301 -5.09 -23.20 -20.45
N PRO A 302 -5.49 -24.06 -21.38
CA PRO A 302 -6.18 -25.29 -20.97
C PRO A 302 -5.35 -26.17 -20.06
N LYS A 303 -4.02 -26.09 -20.11
CA LYS A 303 -3.17 -26.81 -19.17
C LYS A 303 -2.85 -26.01 -17.92
N LEU A 304 -2.94 -24.68 -17.99
CA LEU A 304 -2.53 -23.82 -16.88
C LEU A 304 -3.67 -23.59 -15.88
N ILE A 305 -4.86 -23.29 -16.38
CA ILE A 305 -5.98 -23.01 -15.47
C ILE A 305 -6.24 -24.18 -14.53
N PRO A 306 -6.34 -25.43 -15.01
CA PRO A 306 -6.54 -26.54 -14.07
C PRO A 306 -5.45 -26.63 -13.02
N VAL A 307 -4.21 -26.31 -13.38
CA VAL A 307 -3.13 -26.34 -12.40
C VAL A 307 -3.35 -25.27 -11.34
N LEU A 308 -3.46 -24.01 -11.76
CA LEU A 308 -3.68 -22.93 -10.81
C LEU A 308 -4.88 -23.22 -9.93
N VAL A 309 -5.99 -23.62 -10.53
CA VAL A 309 -7.18 -23.97 -9.75
C VAL A 309 -6.83 -25.03 -8.72
N ASN A 310 -6.14 -26.09 -9.15
CA ASN A 310 -5.79 -27.16 -8.23
C ASN A 310 -4.89 -26.64 -7.11
N GLY A 311 -4.11 -25.60 -7.39
CA GLY A 311 -3.24 -25.05 -6.37
C GLY A 311 -3.94 -24.21 -5.32
N MET A 312 -5.22 -23.89 -5.53
CA MET A 312 -5.93 -23.00 -4.62
C MET A 312 -6.56 -23.73 -3.46
N LYS A 313 -6.43 -25.06 -3.39
CA LYS A 313 -6.85 -25.80 -2.21
C LYS A 313 -5.93 -25.49 -1.03
N TYR A 314 -6.49 -25.55 0.17
CA TYR A 314 -5.65 -25.48 1.36
C TYR A 314 -4.72 -26.69 1.42
N SER A 315 -3.52 -26.46 1.92
CA SER A 315 -2.65 -27.58 2.27
C SER A 315 -3.12 -28.17 3.59
N ASP A 316 -2.71 -29.42 3.83
CA ASP A 316 -3.04 -30.05 5.11
C ASP A 316 -2.55 -29.20 6.28
N ILE A 317 -1.39 -28.57 6.11
CA ILE A 317 -0.84 -27.74 7.18
C ILE A 317 -1.74 -26.55 7.46
N ASP A 318 -2.25 -25.89 6.42
CA ASP A 318 -3.17 -24.78 6.63
C ASP A 318 -4.44 -25.25 7.32
N ILE A 319 -4.99 -26.38 6.88
CA ILE A 319 -6.21 -26.88 7.50
C ILE A 319 -5.99 -27.14 8.98
N ILE A 320 -4.84 -27.72 9.34
CA ILE A 320 -4.55 -27.99 10.75
C ILE A 320 -4.39 -26.67 11.51
N LEU A 321 -3.60 -25.75 10.97
CA LEU A 321 -3.37 -24.48 11.66
C LEU A 321 -4.65 -23.68 11.78
N LEU A 322 -5.46 -23.65 10.72
CA LEU A 322 -6.74 -22.96 10.78
C LEU A 322 -7.76 -23.69 11.64
N LYS A 323 -7.45 -24.92 12.07
CA LYS A 323 -8.39 -25.74 12.84
C LYS A 323 -9.68 -25.99 12.08
N GLY A 324 -9.62 -25.95 10.75
CA GLY A 324 -10.80 -26.24 9.95
C GLY A 324 -11.30 -27.67 10.12
N ASP A 325 -10.42 -28.58 10.55
CA ASP A 325 -10.80 -29.98 10.71
C ASP A 325 -11.80 -30.19 11.83
N VAL A 326 -11.96 -29.21 12.72
CA VAL A 326 -12.71 -29.40 13.96
C VAL A 326 -14.19 -29.16 13.71
N GLU A 327 -15.03 -29.88 14.46
CA GLU A 327 -16.47 -29.73 14.36
C GLU A 327 -16.91 -28.39 14.97
N GLU A 328 -18.14 -28.00 14.62
CA GLU A 328 -18.69 -26.72 15.10
C GLU A 328 -20.12 -26.85 15.60
N ASP A 329 -20.56 -28.06 15.94
CA ASP A 329 -21.91 -28.28 16.47
C ASP A 329 -22.97 -27.60 15.61
N GLU A 367 -3.44 -17.71 18.07
CA GLU A 367 -4.38 -16.67 17.68
C GLU A 367 -3.67 -15.62 16.83
N ILE A 368 -2.82 -14.81 17.47
CA ILE A 368 -2.04 -13.83 16.73
C ILE A 368 -0.95 -14.52 15.90
N ASP A 369 -0.27 -15.50 16.49
CA ASP A 369 0.69 -16.28 15.73
C ASP A 369 -0.01 -17.17 14.70
N ASP A 370 -1.24 -17.58 14.98
CA ASP A 370 -2.05 -18.25 13.97
C ASP A 370 -2.18 -17.37 12.73
N ASP A 371 -2.52 -16.10 12.92
CA ASP A 371 -2.56 -15.15 11.82
C ASP A 371 -1.19 -15.00 11.17
N ASP A 372 -0.15 -14.83 11.99
CA ASP A 372 1.20 -14.73 11.45
C ASP A 372 1.50 -15.86 10.47
N THR A 373 1.17 -17.08 10.85
CA THR A 373 1.46 -18.24 10.02
C THR A 373 0.56 -18.27 8.78
N ILE A 374 -0.74 -18.07 8.95
CA ILE A 374 -1.66 -18.17 7.81
C ILE A 374 -1.35 -17.07 6.79
N SER A 375 -1.34 -15.81 7.26
CA SER A 375 -1.24 -14.67 6.36
C SER A 375 -0.07 -14.79 5.39
N ASP A 376 1.06 -15.36 5.84
CA ASP A 376 2.27 -15.32 5.04
C ASP A 376 2.00 -15.90 3.66
N TRP A 377 2.66 -15.33 2.66
CA TRP A 377 2.46 -15.74 1.28
C TRP A 377 2.68 -17.25 1.15
N ASN A 378 1.88 -17.89 0.29
CA ASN A 378 2.00 -19.32 0.09
C ASN A 378 1.41 -19.67 -1.28
N LEU A 379 1.43 -20.96 -1.59
CA LEU A 379 1.00 -21.42 -2.91
C LEU A 379 -0.46 -21.06 -3.18
N ARG A 380 -1.30 -21.14 -2.16
CA ARG A 380 -2.72 -20.84 -2.35
C ARG A 380 -2.92 -19.36 -2.69
N LYS A 381 -2.34 -18.47 -1.89
CA LYS A 381 -2.42 -17.04 -2.18
C LYS A 381 -1.94 -16.76 -3.60
N CYS A 382 -0.78 -17.30 -3.95
CA CYS A 382 -0.15 -16.95 -5.21
C CYS A 382 -0.95 -17.49 -6.39
N SER A 383 -1.46 -18.72 -6.28
CA SER A 383 -2.29 -19.26 -7.34
C SER A 383 -3.56 -18.42 -7.52
N ALA A 384 -4.20 -18.04 -6.41
CA ALA A 384 -5.40 -17.22 -6.53
C ALA A 384 -5.10 -15.89 -7.20
N ALA A 385 -4.00 -15.23 -6.80
CA ALA A 385 -3.66 -13.94 -7.40
C ALA A 385 -3.33 -14.09 -8.87
N ALA A 386 -2.61 -15.15 -9.24
CA ALA A 386 -2.29 -15.37 -10.64
C ALA A 386 -3.56 -15.56 -11.45
N LEU A 387 -4.50 -16.35 -10.93
CA LEU A 387 -5.77 -16.53 -11.62
C LEU A 387 -6.52 -15.21 -11.73
N ASP A 388 -6.43 -14.38 -10.70
CA ASP A 388 -7.10 -13.07 -10.75
C ASP A 388 -6.56 -12.22 -11.87
N VAL A 389 -5.23 -12.10 -11.98
CA VAL A 389 -4.66 -11.25 -13.01
C VAL A 389 -4.89 -11.85 -14.39
N LEU A 390 -4.84 -13.17 -14.51
CA LEU A 390 -5.17 -13.82 -15.77
C LEU A 390 -6.60 -13.50 -16.18
N ALA A 391 -7.52 -13.52 -15.21
CA ALA A 391 -8.89 -13.11 -15.48
C ALA A 391 -8.92 -11.67 -15.98
N ASN A 392 -8.19 -10.78 -15.31
CA ASN A 392 -8.22 -9.38 -15.73
C ASN A 392 -7.74 -9.21 -17.16
N VAL A 393 -6.76 -10.01 -17.59
CA VAL A 393 -6.22 -9.79 -18.94
C VAL A 393 -7.08 -10.48 -20.00
N TYR A 394 -7.62 -11.67 -19.72
CA TYR A 394 -8.36 -12.41 -20.74
C TYR A 394 -9.87 -12.16 -20.73
N ARG A 395 -10.46 -11.83 -19.58
CA ARG A 395 -11.88 -11.50 -19.44
C ARG A 395 -12.70 -12.66 -19.99
N ASP A 396 -13.66 -12.41 -20.87
CA ASP A 396 -14.60 -13.45 -21.28
C ASP A 396 -13.89 -14.62 -21.94
N GLU A 397 -12.71 -14.38 -22.52
CA GLU A 397 -12.01 -15.45 -23.23
C GLU A 397 -11.58 -16.56 -22.29
N LEU A 398 -11.30 -16.23 -21.03
CA LEU A 398 -10.89 -17.23 -20.05
C LEU A 398 -12.05 -18.03 -19.49
N LEU A 399 -13.27 -17.53 -19.63
CA LEU A 399 -14.42 -18.18 -19.00
C LEU A 399 -14.66 -19.60 -19.49
N PRO A 400 -14.65 -19.90 -20.79
CA PRO A 400 -14.95 -21.26 -21.22
C PRO A 400 -13.93 -22.31 -20.78
N HIS A 401 -12.76 -21.88 -20.28
CA HIS A 401 -11.79 -22.83 -19.74
C HIS A 401 -12.03 -23.13 -18.26
N ILE A 402 -12.33 -22.10 -17.46
CA ILE A 402 -12.48 -22.30 -16.03
C ILE A 402 -13.89 -22.74 -15.64
N LEU A 403 -14.92 -22.30 -16.37
CA LEU A 403 -16.28 -22.54 -15.92
C LEU A 403 -16.61 -24.02 -15.79
N PRO A 404 -16.23 -24.91 -16.70
CA PRO A 404 -16.48 -26.33 -16.46
C PRO A 404 -15.81 -26.87 -15.21
N LEU A 405 -14.61 -26.38 -14.86
CA LEU A 405 -14.01 -26.72 -13.58
C LEU A 405 -14.83 -26.15 -12.43
N LEU A 406 -15.21 -24.89 -12.54
CA LEU A 406 -15.90 -24.21 -11.45
C LEU A 406 -17.23 -24.89 -11.13
N LYS A 407 -17.99 -25.26 -12.15
CA LYS A 407 -19.28 -25.89 -11.94
C LYS A 407 -19.15 -27.33 -11.45
N GLU A 408 -17.93 -27.85 -11.35
CA GLU A 408 -17.68 -29.10 -10.65
C GLU A 408 -17.25 -28.85 -9.21
N LEU A 409 -16.37 -27.87 -8.99
CA LEU A 409 -15.92 -27.58 -7.64
C LEU A 409 -17.06 -27.08 -6.76
N LEU A 410 -17.91 -26.21 -7.30
CA LEU A 410 -18.92 -25.56 -6.48
C LEU A 410 -19.83 -26.55 -5.79
N PHE A 411 -20.17 -27.65 -6.48
CA PHE A 411 -21.11 -28.64 -5.97
C PHE A 411 -20.43 -29.93 -5.55
N HIS A 412 -19.13 -29.88 -5.31
CA HIS A 412 -18.42 -31.05 -4.78
C HIS A 412 -18.75 -31.24 -3.31
N HIS A 413 -18.71 -32.50 -2.86
CA HIS A 413 -19.10 -32.83 -1.49
C HIS A 413 -17.97 -32.65 -0.48
N GLU A 414 -16.72 -32.63 -0.93
CA GLU A 414 -15.60 -32.36 -0.04
C GLU A 414 -15.53 -30.86 0.25
N TRP A 415 -15.53 -30.50 1.53
CA TRP A 415 -15.63 -29.09 1.89
C TRP A 415 -14.40 -28.31 1.44
N VAL A 416 -13.23 -28.94 1.40
CA VAL A 416 -12.04 -28.26 0.89
C VAL A 416 -12.21 -27.91 -0.58
N VAL A 417 -12.72 -28.86 -1.36
CA VAL A 417 -12.93 -28.62 -2.79
C VAL A 417 -13.96 -27.52 -2.99
N LYS A 418 -15.06 -27.58 -2.24
CA LYS A 418 -16.06 -26.52 -2.33
C LYS A 418 -15.47 -25.16 -1.96
N GLU A 419 -14.63 -25.13 -0.92
CA GLU A 419 -14.04 -23.86 -0.51
C GLU A 419 -13.15 -23.30 -1.62
N SER A 420 -12.34 -24.15 -2.23
CA SER A 420 -11.52 -23.70 -3.34
C SER A 420 -12.38 -23.23 -4.51
N GLY A 421 -13.52 -23.88 -4.73
CA GLY A 421 -14.43 -23.42 -5.78
C GLY A 421 -15.00 -22.04 -5.49
N ILE A 422 -15.40 -21.81 -4.23
CA ILE A 422 -15.87 -20.48 -3.85
C ILE A 422 -14.78 -19.45 -4.08
N LEU A 423 -13.55 -19.77 -3.71
CA LEU A 423 -12.44 -18.83 -3.91
C LEU A 423 -12.21 -18.58 -5.39
N VAL A 424 -12.32 -19.60 -6.23
CA VAL A 424 -12.17 -19.43 -7.66
C VAL A 424 -13.23 -18.47 -8.18
N LEU A 425 -14.49 -18.71 -7.80
CA LEU A 425 -15.58 -17.87 -8.28
C LEU A 425 -15.41 -16.44 -7.83
N GLY A 426 -14.87 -16.23 -6.63
CA GLY A 426 -14.63 -14.87 -6.17
C GLY A 426 -13.44 -14.21 -6.84
N ALA A 427 -12.42 -14.98 -7.19
CA ALA A 427 -11.20 -14.40 -7.74
C ALA A 427 -11.43 -13.83 -9.14
N ILE A 428 -12.05 -14.62 -10.02
CA ILE A 428 -12.25 -14.18 -11.40
C ILE A 428 -13.34 -13.14 -11.54
N ALA A 429 -14.02 -12.80 -10.45
CA ALA A 429 -15.19 -11.92 -10.54
C ALA A 429 -14.82 -10.59 -11.19
N GLU A 430 -13.78 -9.93 -10.68
CA GLU A 430 -13.49 -8.56 -11.11
C GLU A 430 -13.23 -8.49 -12.60
N GLY A 431 -12.45 -9.43 -13.14
CA GLY A 431 -12.12 -9.39 -14.55
C GLY A 431 -13.18 -9.98 -15.44
N CYS A 432 -13.97 -10.94 -14.95
CA CYS A 432 -14.85 -11.74 -15.77
C CYS A 432 -16.33 -11.47 -15.53
N MET A 433 -16.65 -10.37 -14.82
CA MET A 433 -18.04 -10.07 -14.48
C MET A 433 -18.96 -10.12 -15.70
N GLN A 434 -18.55 -9.45 -16.79
CA GLN A 434 -19.46 -9.27 -17.91
C GLN A 434 -19.86 -10.59 -18.53
N GLY A 435 -18.94 -11.57 -18.56
CA GLY A 435 -19.29 -12.89 -19.03
C GLY A 435 -19.91 -13.78 -17.97
N MET A 436 -19.69 -13.46 -16.69
CA MET A 436 -20.21 -14.29 -15.61
C MET A 436 -21.66 -13.98 -15.29
N ILE A 437 -22.14 -12.79 -15.65
CA ILE A 437 -23.46 -12.36 -15.19
C ILE A 437 -24.55 -13.42 -15.39
N PRO A 438 -24.67 -14.06 -16.55
CA PRO A 438 -25.83 -14.95 -16.77
C PRO A 438 -25.98 -16.05 -15.74
N TYR A 439 -24.91 -16.42 -15.04
CA TYR A 439 -24.95 -17.48 -14.04
C TYR A 439 -25.20 -16.98 -12.63
N LEU A 440 -25.13 -15.66 -12.40
CA LEU A 440 -25.36 -15.15 -11.05
C LEU A 440 -26.75 -15.45 -10.52
N PRO A 441 -27.83 -15.36 -11.32
CA PRO A 441 -29.14 -15.77 -10.79
C PRO A 441 -29.15 -17.18 -10.24
N GLU A 442 -28.24 -18.03 -10.69
CA GLU A 442 -28.13 -19.41 -10.20
C GLU A 442 -27.10 -19.56 -9.09
N LEU A 443 -26.02 -18.79 -9.12
CA LEU A 443 -24.96 -18.95 -8.14
C LEU A 443 -25.24 -18.19 -6.85
N ILE A 444 -25.75 -16.96 -6.96
CA ILE A 444 -25.93 -16.13 -5.77
C ILE A 444 -26.81 -16.81 -4.74
N PRO A 445 -27.93 -17.43 -5.09
CA PRO A 445 -28.69 -18.16 -4.07
C PRO A 445 -27.90 -19.25 -3.37
N HIS A 446 -27.07 -19.98 -4.11
CA HIS A 446 -26.28 -21.04 -3.49
C HIS A 446 -25.19 -20.46 -2.60
N LEU A 447 -24.60 -19.33 -3.00
CA LEU A 447 -23.65 -18.67 -2.11
C LEU A 447 -24.33 -18.19 -0.84
N ILE A 448 -25.57 -17.71 -0.95
CA ILE A 448 -26.31 -17.28 0.21
C ILE A 448 -26.62 -18.47 1.11
N GLN A 449 -26.86 -19.64 0.53
CA GLN A 449 -26.94 -20.86 1.35
C GLN A 449 -25.60 -21.16 2.03
N CYS A 450 -24.50 -21.04 1.28
CA CYS A 450 -23.19 -21.36 1.85
C CYS A 450 -22.86 -20.46 3.03
N LEU A 451 -23.39 -19.23 3.05
CA LEU A 451 -23.23 -18.40 4.24
C LEU A 451 -23.75 -19.07 5.50
N SER A 452 -24.47 -20.19 5.38
CA SER A 452 -24.94 -20.96 6.53
C SER A 452 -24.23 -22.30 6.66
N ASP A 453 -23.11 -22.48 5.99
CA ASP A 453 -22.43 -23.76 5.98
C ASP A 453 -21.79 -24.05 7.34
N LYS A 454 -21.60 -25.34 7.62
CA LYS A 454 -21.06 -25.74 8.92
C LYS A 454 -19.64 -25.24 9.12
N LYS A 455 -18.79 -25.36 8.11
CA LYS A 455 -17.38 -25.02 8.25
C LYS A 455 -17.20 -23.51 8.27
N ALA A 456 -16.39 -23.02 9.20
CA ALA A 456 -16.14 -21.59 9.30
C ALA A 456 -15.46 -21.04 8.05
N LEU A 457 -14.50 -21.78 7.52
CA LEU A 457 -13.74 -21.29 6.38
C LEU A 457 -14.63 -21.08 5.17
N VAL A 458 -15.55 -22.02 4.92
CA VAL A 458 -16.50 -21.87 3.82
C VAL A 458 -17.31 -20.60 4.01
N ARG A 459 -17.78 -20.35 5.25
CA ARG A 459 -18.56 -19.17 5.53
C ARG A 459 -17.77 -17.89 5.21
N SER A 460 -16.52 -17.82 5.68
CA SER A 460 -15.73 -16.62 5.47
C SER A 460 -15.48 -16.36 3.98
N ILE A 461 -15.05 -17.39 3.26
CA ILE A 461 -14.73 -17.15 1.85
C ILE A 461 -16.01 -16.87 1.07
N THR A 462 -17.15 -17.42 1.51
CA THR A 462 -18.42 -17.09 0.89
C THR A 462 -18.74 -15.61 1.08
N CYS A 463 -18.52 -15.09 2.29
CA CYS A 463 -18.69 -13.66 2.50
C CYS A 463 -17.86 -12.86 1.51
N TRP A 464 -16.59 -13.23 1.36
CA TRP A 464 -15.73 -12.45 0.46
C TRP A 464 -16.21 -12.53 -1.00
N THR A 465 -16.61 -13.72 -1.45
CA THR A 465 -17.07 -13.85 -2.83
C THR A 465 -18.34 -13.05 -3.08
N LEU A 466 -19.29 -13.11 -2.15
CA LEU A 466 -20.49 -12.30 -2.30
C LEU A 466 -20.16 -10.82 -2.30
N SER A 467 -19.15 -10.42 -1.51
CA SER A 467 -18.67 -9.05 -1.59
C SER A 467 -18.20 -8.73 -3.01
N ARG A 468 -17.47 -9.65 -3.63
CA ARG A 468 -16.98 -9.42 -4.98
C ARG A 468 -18.13 -9.24 -5.96
N TYR A 469 -19.28 -9.87 -5.71
CA TYR A 469 -20.45 -9.72 -6.60
C TYR A 469 -21.50 -8.73 -6.07
N ALA A 470 -21.14 -7.96 -5.05
CA ALA A 470 -22.06 -6.97 -4.47
C ALA A 470 -22.71 -6.07 -5.52
N HIS A 471 -21.95 -5.60 -6.51
CA HIS A 471 -22.51 -4.61 -7.43
C HIS A 471 -23.67 -5.18 -8.23
N TRP A 472 -23.46 -6.34 -8.85
CA TRP A 472 -24.55 -6.98 -9.57
C TRP A 472 -25.71 -7.27 -8.64
N VAL A 473 -25.42 -7.68 -7.40
CA VAL A 473 -26.50 -7.92 -6.45
C VAL A 473 -27.34 -6.65 -6.28
N VAL A 474 -26.67 -5.51 -6.12
CA VAL A 474 -27.39 -4.25 -5.88
C VAL A 474 -28.19 -3.86 -7.11
N SER A 475 -27.71 -4.19 -8.31
CA SER A 475 -28.43 -3.78 -9.52
C SER A 475 -29.82 -4.42 -9.63
N GLN A 476 -30.07 -5.50 -8.91
CA GLN A 476 -31.31 -6.26 -9.06
C GLN A 476 -32.38 -5.75 -8.11
N PRO A 477 -33.63 -6.15 -8.32
CA PRO A 477 -34.71 -5.77 -7.40
C PRO A 477 -34.33 -6.12 -5.97
N PRO A 478 -34.43 -5.17 -5.03
CA PRO A 478 -33.88 -5.41 -3.70
C PRO A 478 -34.42 -6.65 -3.01
N ASP A 479 -35.72 -6.93 -3.12
CA ASP A 479 -36.30 -8.05 -2.39
C ASP A 479 -35.82 -9.40 -2.89
N THR A 480 -35.23 -9.45 -4.08
CA THR A 480 -34.89 -10.72 -4.69
C THR A 480 -33.53 -11.25 -4.24
N TYR A 481 -32.50 -10.40 -4.23
CA TYR A 481 -31.16 -10.80 -3.82
C TYR A 481 -30.57 -9.95 -2.73
N LEU A 482 -30.80 -8.63 -2.74
CA LEU A 482 -30.12 -7.76 -1.80
C LEU A 482 -30.58 -8.01 -0.37
N LYS A 483 -31.88 -8.07 -0.14
CA LYS A 483 -32.38 -8.26 1.22
C LYS A 483 -31.94 -9.59 1.80
N PRO A 484 -32.08 -10.73 1.11
CA PRO A 484 -31.53 -11.98 1.67
C PRO A 484 -30.05 -11.90 1.94
N LEU A 485 -29.29 -11.28 1.02
CA LEU A 485 -27.84 -11.20 1.19
C LEU A 485 -27.49 -10.44 2.46
N MET A 486 -28.08 -9.26 2.64
CA MET A 486 -27.73 -8.47 3.83
C MET A 486 -28.23 -9.13 5.10
N THR A 487 -29.38 -9.83 5.03
CA THR A 487 -29.84 -10.57 6.19
C THR A 487 -28.80 -11.60 6.62
N GLU A 488 -28.33 -12.42 5.67
CA GLU A 488 -27.35 -13.45 6.02
C GLU A 488 -26.03 -12.83 6.44
N LEU A 489 -25.60 -11.76 5.78
CA LEU A 489 -24.34 -11.13 6.14
C LEU A 489 -24.39 -10.57 7.54
N LEU A 490 -25.52 -9.94 7.91
CA LEU A 490 -25.65 -9.43 9.27
C LEU A 490 -25.71 -10.57 10.28
N LYS A 491 -26.34 -11.69 9.93
CA LYS A 491 -26.30 -12.83 10.83
C LYS A 491 -24.88 -13.34 11.02
N ARG A 492 -24.03 -13.24 9.98
CA ARG A 492 -22.64 -13.64 10.13
C ARG A 492 -21.77 -12.58 10.81
N ILE A 493 -22.18 -11.31 10.82
CA ILE A 493 -21.42 -10.31 11.55
C ILE A 493 -21.29 -10.71 13.01
N LEU A 494 -22.28 -11.42 13.54
CA LEU A 494 -22.27 -11.90 14.91
C LEU A 494 -21.90 -13.39 14.98
N ASP A 495 -21.14 -13.86 14.00
CA ASP A 495 -20.75 -15.26 13.96
C ASP A 495 -19.89 -15.64 15.16
N SER A 496 -19.82 -16.93 15.43
CA SER A 496 -19.03 -17.44 16.54
C SER A 496 -17.54 -17.28 16.29
N ASN A 497 -17.12 -17.32 15.03
CA ASN A 497 -15.71 -17.44 14.68
C ASN A 497 -15.17 -16.08 14.22
N LYS A 498 -14.01 -15.70 14.75
CA LYS A 498 -13.54 -14.33 14.57
C LYS A 498 -13.17 -14.01 13.13
N ARG A 499 -12.52 -14.93 12.41
CA ARG A 499 -12.24 -14.63 11.02
C ARG A 499 -13.51 -14.56 10.19
N VAL A 500 -14.54 -15.33 10.55
CA VAL A 500 -15.85 -15.15 9.92
C VAL A 500 -16.37 -13.75 10.20
N GLN A 501 -16.21 -13.26 11.43
CA GLN A 501 -16.66 -11.91 11.76
C GLN A 501 -15.94 -10.88 10.90
N GLU A 502 -14.62 -11.01 10.77
CA GLU A 502 -13.86 -10.06 9.98
C GLU A 502 -14.31 -10.08 8.52
N ALA A 503 -14.45 -11.28 7.95
CA ALA A 503 -14.90 -11.39 6.57
C ALA A 503 -16.28 -10.79 6.39
N ALA A 504 -17.18 -11.04 7.34
CA ALA A 504 -18.53 -10.50 7.23
C ALA A 504 -18.52 -8.98 7.28
N CYS A 505 -17.73 -8.40 8.18
CA CYS A 505 -17.68 -6.94 8.26
C CYS A 505 -17.12 -6.33 6.98
N SER A 506 -16.04 -6.91 6.45
CA SER A 506 -15.49 -6.38 5.20
C SER A 506 -16.51 -6.49 4.07
N ALA A 507 -17.16 -7.64 3.95
CA ALA A 507 -18.14 -7.84 2.88
C ALA A 507 -19.29 -6.87 3.03
N PHE A 508 -19.76 -6.64 4.25
CA PHE A 508 -20.89 -5.74 4.44
C PHE A 508 -20.50 -4.31 4.15
N ALA A 509 -19.28 -3.90 4.49
CA ALA A 509 -18.85 -2.55 4.15
C ALA A 509 -18.83 -2.35 2.65
N THR A 510 -18.28 -3.32 1.90
CA THR A 510 -18.27 -3.21 0.45
C THR A 510 -19.70 -3.20 -0.11
N LEU A 511 -20.57 -4.03 0.47
CA LEU A 511 -21.96 -4.07 0.01
C LEU A 511 -22.65 -2.73 0.28
N GLU A 512 -22.34 -2.09 1.41
CA GLU A 512 -22.89 -0.76 1.67
C GLU A 512 -22.40 0.23 0.64
N GLU A 513 -21.12 0.19 0.30
CA GLU A 513 -20.61 1.13 -0.69
C GLU A 513 -21.32 0.95 -2.03
N GLU A 514 -21.62 -0.29 -2.41
CA GLU A 514 -22.41 -0.50 -3.62
C GLU A 514 -23.86 -0.04 -3.44
N ALA A 515 -24.46 -0.31 -2.28
CA ALA A 515 -25.89 -0.11 -2.12
C ALA A 515 -26.25 1.37 -2.04
N CYS A 516 -25.48 2.15 -1.27
CA CYS A 516 -25.80 3.55 -1.04
C CYS A 516 -27.22 3.69 -0.53
N THR A 517 -28.05 4.48 -1.22
CA THR A 517 -29.38 4.79 -0.70
C THR A 517 -30.29 3.57 -0.60
N GLU A 518 -29.95 2.47 -1.27
CA GLU A 518 -30.78 1.28 -1.21
C GLU A 518 -30.89 0.72 0.21
N LEU A 519 -29.96 1.10 1.08
CA LEU A 519 -29.94 0.54 2.44
C LEU A 519 -31.07 1.09 3.29
N VAL A 520 -31.55 2.30 2.98
CA VAL A 520 -32.27 3.08 3.98
C VAL A 520 -33.47 2.33 4.56
N PRO A 521 -34.27 1.60 3.79
CA PRO A 521 -35.41 0.89 4.40
C PRO A 521 -35.02 -0.13 5.45
N TYR A 522 -33.79 -0.65 5.41
CA TYR A 522 -33.32 -1.70 6.31
C TYR A 522 -32.44 -1.12 7.43
N LEU A 523 -32.36 0.20 7.49
CA LEU A 523 -31.35 0.86 8.32
C LEU A 523 -31.55 0.52 9.79
N ALA A 524 -32.79 0.32 10.23
CA ALA A 524 -33.03 -0.03 11.63
C ALA A 524 -32.32 -1.33 11.98
N TYR A 525 -32.47 -2.36 11.13
CA TYR A 525 -31.83 -3.63 11.38
C TYR A 525 -30.31 -3.51 11.29
N ILE A 526 -29.81 -2.80 10.28
CA ILE A 526 -28.36 -2.63 10.18
C ILE A 526 -27.80 -2.02 11.47
N LEU A 527 -28.41 -0.94 11.94
CA LEU A 527 -27.91 -0.28 13.14
C LEU A 527 -28.04 -1.18 14.36
N ASP A 528 -29.18 -1.86 14.50
CA ASP A 528 -29.35 -2.72 15.66
C ASP A 528 -28.22 -3.73 15.75
N THR A 529 -27.93 -4.42 14.65
CA THR A 529 -26.92 -5.46 14.70
C THR A 529 -25.53 -4.89 14.91
N LEU A 530 -25.20 -3.75 14.29
CA LEU A 530 -23.85 -3.21 14.44
C LEU A 530 -23.61 -2.71 15.87
N VAL A 531 -24.57 -1.97 16.44
CA VAL A 531 -24.40 -1.49 17.80
C VAL A 531 -24.40 -2.67 18.77
N PHE A 532 -25.08 -3.77 18.42
CA PHE A 532 -24.90 -4.98 19.21
C PHE A 532 -23.48 -5.52 19.06
N ALA A 533 -22.91 -5.41 17.86
CA ALA A 533 -21.55 -5.89 17.65
C ALA A 533 -20.59 -5.22 18.60
N PHE A 534 -20.78 -3.93 18.86
CA PHE A 534 -19.93 -3.29 19.87
C PHE A 534 -19.91 -4.08 21.18
N SER A 535 -21.07 -4.56 21.63
CA SER A 535 -21.13 -5.25 22.92
C SER A 535 -20.42 -6.59 22.91
N LYS A 536 -20.05 -7.10 21.74
CA LYS A 536 -19.45 -8.43 21.61
C LYS A 536 -18.00 -8.40 21.15
N TYR A 537 -17.61 -7.44 20.34
CA TYR A 537 -16.35 -7.51 19.62
C TYR A 537 -15.15 -7.32 20.56
N GLN A 538 -13.98 -7.56 19.98
CA GLN A 538 -12.70 -7.42 20.64
C GLN A 538 -11.78 -6.62 19.72
N HIS A 539 -10.70 -6.10 20.30
CA HIS A 539 -9.99 -5.00 19.66
C HIS A 539 -9.58 -5.31 18.22
N LYS A 540 -9.12 -6.53 17.95
CA LYS A 540 -8.65 -6.84 16.60
C LYS A 540 -9.77 -6.71 15.56
N ASN A 541 -11.01 -7.07 15.91
CA ASN A 541 -12.14 -6.94 15.00
C ASN A 541 -12.82 -5.58 15.08
N LEU A 542 -12.54 -4.82 16.15
CA LEU A 542 -13.28 -3.58 16.39
C LEU A 542 -12.97 -2.52 15.34
N LEU A 543 -11.77 -2.54 14.77
CA LEU A 543 -11.43 -1.54 13.77
C LEU A 543 -12.16 -1.79 12.45
N ILE A 544 -12.35 -3.05 12.06
CA ILE A 544 -13.16 -3.29 10.88
C ILE A 544 -14.63 -3.04 11.18
N LEU A 545 -15.06 -3.23 12.43
CA LEU A 545 -16.42 -2.78 12.77
C LEU A 545 -16.56 -1.28 12.61
N TYR A 546 -15.54 -0.52 13.03
CA TYR A 546 -15.54 0.92 12.76
C TYR A 546 -15.60 1.19 11.27
N ASP A 547 -14.87 0.43 10.47
CA ASP A 547 -14.94 0.60 9.03
C ASP A 547 -16.38 0.45 8.55
N ALA A 548 -17.07 -0.59 9.03
CA ALA A 548 -18.45 -0.83 8.61
C ALA A 548 -19.34 0.34 8.99
N ILE A 549 -19.22 0.82 10.23
CA ILE A 549 -20.12 1.88 10.70
C ILE A 549 -19.83 3.20 9.98
N GLY A 550 -18.56 3.53 9.80
CA GLY A 550 -18.22 4.74 9.08
C GLY A 550 -18.70 4.69 7.64
N THR A 551 -18.57 3.52 7.00
CA THR A 551 -19.07 3.37 5.64
C THR A 551 -20.58 3.51 5.60
N LEU A 552 -21.26 2.98 6.62
CA LEU A 552 -22.71 3.14 6.69
C LEU A 552 -23.08 4.62 6.74
N ALA A 553 -22.43 5.37 7.61
CA ALA A 553 -22.70 6.81 7.68
C ALA A 553 -22.45 7.47 6.34
N ASP A 554 -21.29 7.19 5.74
CA ASP A 554 -20.93 7.83 4.48
C ASP A 554 -21.94 7.52 3.38
N SER A 555 -22.41 6.27 3.32
CA SER A 555 -23.29 5.85 2.24
C SER A 555 -24.73 6.27 2.47
N VAL A 556 -25.16 6.36 3.73
CA VAL A 556 -26.56 6.68 4.01
C VAL A 556 -26.79 8.19 4.02
N GLY A 557 -25.82 8.98 4.50
CA GLY A 557 -26.01 10.41 4.49
C GLY A 557 -27.02 10.87 5.52
N HIS A 558 -27.74 11.94 5.18
CA HIS A 558 -28.62 12.58 6.15
C HIS A 558 -29.79 11.70 6.56
N HIS A 559 -30.07 10.63 5.84
CA HIS A 559 -31.12 9.71 6.26
C HIS A 559 -30.86 9.14 7.65
N LEU A 560 -29.59 9.10 8.06
CA LEU A 560 -29.23 8.59 9.38
C LEU A 560 -29.67 9.53 10.51
N ASN A 561 -30.09 10.76 10.19
CA ASN A 561 -30.46 11.74 11.20
C ASN A 561 -31.91 11.52 11.62
N LYS A 562 -32.12 10.51 12.46
CA LYS A 562 -33.39 10.30 13.13
C LYS A 562 -33.13 10.07 14.61
N PRO A 563 -34.01 10.55 15.49
CA PRO A 563 -33.73 10.45 16.93
C PRO A 563 -33.42 9.05 17.41
N GLU A 564 -34.18 8.04 16.96
CA GLU A 564 -33.93 6.69 17.42
C GLU A 564 -32.55 6.21 16.98
N TYR A 565 -32.18 6.48 15.73
CA TYR A 565 -30.86 6.08 15.26
C TYR A 565 -29.77 6.77 16.05
N ILE A 566 -29.95 8.05 16.34
CA ILE A 566 -28.92 8.81 17.06
C ILE A 566 -28.73 8.26 18.46
N GLN A 567 -29.83 8.11 19.20
CA GLN A 567 -29.73 7.63 20.58
C GLN A 567 -29.39 6.15 20.65
N MET A 568 -29.46 5.43 19.52
CA MET A 568 -29.00 4.05 19.46
C MET A 568 -27.51 3.95 19.15
N LEU A 569 -27.01 4.79 18.26
CA LEU A 569 -25.64 4.71 17.76
C LEU A 569 -24.63 5.47 18.60
N MET A 570 -24.99 6.65 19.09
CA MET A 570 -24.01 7.53 19.74
C MET A 570 -23.52 7.02 21.09
N PRO A 571 -24.38 6.49 21.95
CA PRO A 571 -23.93 6.11 23.30
C PRO A 571 -22.72 5.20 23.26
N PRO A 572 -22.71 4.14 22.44
CA PRO A 572 -21.52 3.28 22.42
C PRO A 572 -20.29 3.96 21.84
N LEU A 573 -20.46 4.79 20.81
CA LEU A 573 -19.30 5.49 20.26
C LEU A 573 -18.67 6.42 21.29
N ILE A 574 -19.49 7.18 22.00
CA ILE A 574 -18.93 8.06 23.02
C ILE A 574 -18.44 7.26 24.22
N GLN A 575 -18.96 6.04 24.43
CA GLN A 575 -18.39 5.18 25.46
C GLN A 575 -16.97 4.78 25.11
N LYS A 576 -16.74 4.37 23.86
CA LYS A 576 -15.38 4.07 23.43
C LYS A 576 -14.51 5.31 23.46
N TRP A 577 -15.09 6.46 23.10
CA TRP A 577 -14.37 7.73 23.12
C TRP A 577 -13.93 8.11 24.53
N ASN A 578 -14.77 7.85 25.53
CA ASN A 578 -14.38 8.09 26.91
C ASN A 578 -13.40 7.04 27.41
N MET A 579 -13.53 5.80 26.91
CA MET A 579 -12.62 4.73 27.32
C MET A 579 -11.20 5.03 26.87
N LEU A 580 -11.02 5.45 25.63
CA LEU A 580 -9.68 5.66 25.09
C LEU A 580 -9.06 6.92 25.67
N LYS A 581 -7.77 6.82 26.01
CA LYS A 581 -6.98 7.97 26.42
C LYS A 581 -6.34 8.61 25.20
N ASP A 582 -5.86 9.85 25.39
CA ASP A 582 -5.35 10.62 24.26
C ASP A 582 -4.17 9.93 23.59
N GLU A 583 -3.43 9.11 24.32
CA GLU A 583 -2.24 8.46 23.77
C GLU A 583 -2.56 7.18 23.01
N ASP A 584 -3.78 6.66 23.13
CA ASP A 584 -4.10 5.37 22.55
C ASP A 584 -4.15 5.45 21.03
N LYS A 585 -3.39 4.58 20.36
CA LYS A 585 -3.40 4.55 18.91
C LYS A 585 -4.74 4.04 18.38
N ASP A 586 -5.42 3.18 19.14
CA ASP A 586 -6.76 2.76 18.75
C ASP A 586 -7.71 3.94 18.55
N LEU A 587 -7.31 5.14 18.97
CA LEU A 587 -8.13 6.33 18.79
C LEU A 587 -8.17 6.79 17.33
N PHE A 588 -7.17 6.44 16.52
CA PHE A 588 -7.19 6.88 15.12
C PHE A 588 -8.43 6.39 14.38
N PRO A 589 -8.70 5.08 14.29
CA PRO A 589 -9.90 4.66 13.56
C PRO A 589 -11.18 5.26 14.13
N LEU A 590 -11.33 5.27 15.46
CA LEU A 590 -12.57 5.77 16.05
C LEU A 590 -12.90 7.16 15.53
N LEU A 591 -11.97 8.11 15.68
CA LEU A 591 -12.22 9.45 15.17
C LEU A 591 -12.46 9.41 13.66
N GLU A 592 -11.67 8.63 12.94
CA GLU A 592 -11.88 8.51 11.51
C GLU A 592 -13.27 7.99 11.21
N CYS A 593 -13.81 7.11 12.06
CA CYS A 593 -15.20 6.73 11.96
C CYS A 593 -16.11 7.88 12.38
N LEU A 594 -15.83 8.47 13.54
CA LEU A 594 -16.76 9.43 14.12
C LEU A 594 -16.99 10.60 13.19
N SER A 595 -15.93 11.09 12.54
CA SER A 595 -16.08 12.18 11.60
C SER A 595 -17.18 11.88 10.60
N SER A 596 -17.14 10.69 9.99
CA SER A 596 -18.20 10.33 9.05
C SER A 596 -19.56 10.47 9.71
N VAL A 597 -19.74 9.85 10.87
CA VAL A 597 -21.02 9.97 11.57
C VAL A 597 -21.35 11.45 11.74
N ALA A 598 -20.38 12.22 12.22
CA ALA A 598 -20.64 13.63 12.51
C ALA A 598 -21.15 14.36 11.29
N THR A 599 -20.58 14.07 10.10
CA THR A 599 -21.07 14.76 8.92
C THR A 599 -22.41 14.20 8.49
N ALA A 600 -22.57 12.88 8.56
CA ALA A 600 -23.82 12.27 8.10
C ALA A 600 -25.00 12.77 8.93
N LEU A 601 -24.80 12.92 10.23
CA LEU A 601 -25.87 13.39 11.10
C LEU A 601 -26.13 14.89 10.95
N GLN A 602 -25.20 15.63 10.37
CA GLN A 602 -25.33 17.09 10.22
C GLN A 602 -25.73 17.66 11.58
N SER A 603 -26.72 18.56 11.64
CA SER A 603 -27.05 19.23 12.89
C SER A 603 -27.48 18.26 13.98
N GLY A 604 -27.93 17.06 13.62
CA GLY A 604 -28.28 16.08 14.63
C GLY A 604 -27.13 15.74 15.56
N PHE A 605 -25.90 15.98 15.11
CA PHE A 605 -24.72 15.72 15.94
C PHE A 605 -24.54 16.75 17.05
N LEU A 606 -25.29 17.85 17.02
CA LEU A 606 -24.98 18.98 17.88
C LEU A 606 -24.90 18.64 19.37
N PRO A 607 -25.82 17.86 19.93
CA PRO A 607 -25.75 17.61 21.39
C PRO A 607 -24.43 16.98 21.82
N TYR A 608 -23.77 16.23 20.93
CA TYR A 608 -22.52 15.55 21.24
C TYR A 608 -21.30 16.34 20.77
N CYS A 609 -21.48 17.54 20.23
CA CYS A 609 -20.38 18.26 19.61
C CYS A 609 -19.34 18.71 20.62
N GLU A 610 -19.75 19.52 21.60
CA GLU A 610 -18.80 20.32 22.35
C GLU A 610 -17.69 19.48 22.99
N PRO A 611 -17.98 18.42 23.75
CA PRO A 611 -16.87 17.65 24.35
C PRO A 611 -15.95 17.06 23.32
N VAL A 612 -16.48 16.62 22.18
CA VAL A 612 -15.63 16.13 21.09
C VAL A 612 -14.75 17.27 20.60
N TYR A 613 -15.38 18.33 20.09
CA TYR A 613 -14.66 19.49 19.58
C TYR A 613 -13.49 19.86 20.49
N GLN A 614 -13.79 20.14 21.76
CA GLN A 614 -12.74 20.55 22.69
C GLN A 614 -11.59 19.57 22.66
N ARG A 615 -11.87 18.28 22.87
CA ARG A 615 -10.80 17.30 22.88
C ARG A 615 -10.05 17.32 21.56
N CYS A 616 -10.79 17.39 20.45
CA CYS A 616 -10.15 17.39 19.13
C CYS A 616 -9.16 18.54 19.01
N VAL A 617 -9.48 19.70 19.59
CA VAL A 617 -8.51 20.79 19.59
C VAL A 617 -7.30 20.42 20.41
N ASN A 618 -7.53 19.98 21.65
CA ASN A 618 -6.41 19.73 22.56
C ASN A 618 -5.40 18.79 21.90
N LEU A 619 -5.88 17.68 21.34
CA LEU A 619 -5.00 16.76 20.65
C LEU A 619 -4.02 17.51 19.75
N VAL A 620 -4.55 18.22 18.75
CA VAL A 620 -3.65 18.88 17.81
C VAL A 620 -2.70 19.81 18.55
N GLN A 621 -3.25 20.59 19.49
CA GLN A 621 -2.39 21.49 20.25
C GLN A 621 -1.23 20.72 20.86
N LYS A 622 -1.53 19.62 21.57
CA LYS A 622 -0.47 18.85 22.18
C LYS A 622 0.56 18.46 21.14
N THR A 623 0.11 17.90 20.01
CA THR A 623 1.05 17.43 19.02
C THR A 623 1.90 18.57 18.49
N LEU A 624 1.32 19.76 18.35
CA LEU A 624 2.12 20.91 17.99
C LEU A 624 3.16 21.20 19.06
N ALA A 625 2.72 21.31 20.32
CA ALA A 625 3.63 21.68 21.40
C ALA A 625 4.85 20.76 21.38
N GLN A 626 4.63 19.47 21.65
CA GLN A 626 5.75 18.55 21.66
C GLN A 626 6.56 18.67 20.38
N ALA A 627 5.90 18.78 19.24
CA ALA A 627 6.63 18.87 17.98
C ALA A 627 7.65 19.98 18.03
N MET A 628 7.22 21.20 18.38
CA MET A 628 8.16 22.31 18.43
C MET A 628 9.22 22.05 19.49
N LEU A 629 8.80 21.49 20.63
CA LEU A 629 9.78 21.09 21.64
C LEU A 629 10.78 20.11 21.04
N ASN A 630 10.30 19.10 20.32
CA ASN A 630 11.21 18.17 19.68
C ASN A 630 12.13 18.90 18.71
N ASN A 631 11.59 19.92 18.02
CA ASN A 631 12.42 20.68 17.10
C ASN A 631 13.49 21.47 17.86
N ALA A 632 13.17 21.93 19.07
CA ALA A 632 14.14 22.69 19.86
C ALA A 632 15.21 21.79 20.45
N GLN A 633 14.81 20.65 21.00
CA GLN A 633 15.74 19.71 21.65
C GLN A 633 15.32 18.30 21.29
N PRO A 634 15.81 17.77 20.17
CA PRO A 634 15.44 16.40 19.77
C PRO A 634 15.81 15.35 20.80
N ASP A 635 16.83 15.60 21.63
CA ASP A 635 17.19 14.64 22.66
C ASP A 635 16.22 14.66 23.84
N GLN A 636 15.68 15.84 24.17
CA GLN A 636 14.77 15.95 25.30
C GLN A 636 13.39 15.41 24.97
N TYR A 637 12.92 15.62 23.74
CA TYR A 637 11.59 15.22 23.32
C TYR A 637 11.66 14.51 21.97
N GLU A 638 11.05 13.34 21.90
CA GLU A 638 10.90 12.63 20.63
C GLU A 638 9.83 13.30 19.78
N ALA A 639 9.92 13.11 18.47
CA ALA A 639 8.94 13.67 17.56
C ALA A 639 7.58 13.03 17.83
N PRO A 640 6.54 13.80 18.12
CA PRO A 640 5.23 13.20 18.40
C PRO A 640 4.59 12.64 17.13
N ASP A 641 3.65 11.73 17.34
CA ASP A 641 2.97 11.06 16.23
C ASP A 641 2.07 12.06 15.52
N LYS A 642 2.40 12.37 14.26
CA LYS A 642 1.65 13.35 13.49
C LYS A 642 0.22 12.89 13.20
N ASP A 643 -0.04 11.59 13.29
CA ASP A 643 -1.36 11.08 12.94
C ASP A 643 -2.43 11.66 13.85
N PHE A 644 -2.11 11.91 15.12
CA PHE A 644 -3.11 12.51 16.01
C PHE A 644 -3.59 13.85 15.48
N MET A 645 -2.66 14.76 15.16
CA MET A 645 -3.12 16.06 14.66
C MET A 645 -3.76 15.93 13.30
N ILE A 646 -3.28 15.00 12.46
CA ILE A 646 -3.87 14.84 11.14
C ILE A 646 -5.34 14.43 11.26
N VAL A 647 -5.60 13.38 12.04
CA VAL A 647 -6.98 12.90 12.19
C VAL A 647 -7.80 13.91 12.98
N ALA A 648 -7.20 14.64 13.91
CA ALA A 648 -7.92 15.67 14.63
C ALA A 648 -8.39 16.77 13.68
N LEU A 649 -7.50 17.21 12.78
CA LEU A 649 -7.90 18.21 11.80
C LEU A 649 -8.97 17.66 10.88
N ASP A 650 -8.85 16.41 10.47
CA ASP A 650 -9.86 15.82 9.59
C ASP A 650 -11.22 15.80 10.28
N LEU A 651 -11.27 15.29 11.50
CA LEU A 651 -12.53 15.23 12.24
C LEU A 651 -13.09 16.63 12.49
N LEU A 652 -12.23 17.58 12.83
CA LEU A 652 -12.70 18.93 13.14
C LEU A 652 -13.23 19.61 11.89
N SER A 653 -12.58 19.41 10.76
CA SER A 653 -13.07 19.96 9.50
C SER A 653 -14.41 19.33 9.13
N GLY A 654 -14.53 18.01 9.27
CA GLY A 654 -15.80 17.36 9.00
C GLY A 654 -16.89 17.83 9.95
N LEU A 655 -16.53 18.09 11.20
CA LEU A 655 -17.48 18.60 12.19
C LEU A 655 -17.97 19.99 11.80
N ALA A 656 -17.05 20.86 11.40
CA ALA A 656 -17.46 22.18 10.91
C ALA A 656 -18.37 22.04 9.69
N GLU A 657 -18.02 21.15 8.76
CA GLU A 657 -18.85 20.93 7.59
C GLU A 657 -20.26 20.51 8.00
N GLY A 658 -20.35 19.54 8.90
CA GLY A 658 -21.65 19.03 9.28
C GLY A 658 -22.50 20.04 10.01
N LEU A 659 -21.91 20.78 10.95
CA LEU A 659 -22.69 21.67 11.79
C LEU A 659 -22.93 23.03 11.16
N GLY A 660 -22.17 23.41 10.13
CA GLY A 660 -22.39 24.71 9.53
C GLY A 660 -22.18 25.84 10.53
N GLY A 661 -23.08 26.82 10.47
CA GLY A 661 -22.93 28.01 11.31
C GLY A 661 -22.95 27.73 12.80
N ASN A 662 -23.52 26.58 13.22
CA ASN A 662 -23.66 26.31 14.64
C ASN A 662 -22.31 26.17 15.35
N ILE A 663 -21.22 25.94 14.60
CA ILE A 663 -19.90 25.82 15.20
C ILE A 663 -19.23 27.17 15.44
N GLU A 664 -19.88 28.26 15.06
CA GLU A 664 -19.30 29.58 15.27
C GLU A 664 -19.11 29.87 16.74
N GLN A 665 -20.11 29.57 17.56
CA GLN A 665 -20.02 29.86 18.99
C GLN A 665 -18.95 29.02 19.68
N LEU A 666 -18.45 27.97 19.05
CA LEU A 666 -17.29 27.26 19.58
C LEU A 666 -15.98 27.85 19.07
N VAL A 667 -15.85 28.02 17.75
CA VAL A 667 -14.56 28.50 17.25
C VAL A 667 -14.27 29.91 17.73
N ALA A 668 -15.31 30.70 18.03
CA ALA A 668 -15.09 32.02 18.59
C ALA A 668 -14.43 31.94 19.96
N ARG A 669 -14.69 30.85 20.69
CA ARG A 669 -14.17 30.67 22.04
C ARG A 669 -12.90 29.83 22.07
N SER A 670 -12.18 29.74 20.95
CA SER A 670 -11.05 28.83 20.86
C SER A 670 -9.86 29.51 20.22
N ASN A 671 -8.67 29.01 20.58
CA ASN A 671 -7.43 29.39 19.93
C ASN A 671 -7.25 28.71 18.58
N ILE A 672 -8.22 27.90 18.16
CA ILE A 672 -8.12 27.02 17.00
C ILE A 672 -7.40 27.71 15.86
N LEU A 673 -7.79 28.95 15.56
CA LEU A 673 -7.22 29.63 14.41
C LEU A 673 -5.70 29.54 14.42
N THR A 674 -5.07 30.10 15.45
CA THR A 674 -3.62 30.09 15.49
C THR A 674 -3.09 28.69 15.25
N LEU A 675 -3.68 27.70 15.92
CA LEU A 675 -3.19 26.33 15.77
C LEU A 675 -3.16 25.93 14.31
N MET A 676 -4.29 26.06 13.60
CA MET A 676 -4.27 25.58 12.22
C MET A 676 -3.30 26.40 11.39
N TYR A 677 -3.12 27.68 11.71
CA TYR A 677 -2.10 28.46 11.03
C TYR A 677 -0.75 27.77 11.12
N GLN A 678 -0.37 27.38 12.34
CA GLN A 678 0.89 26.66 12.51
C GLN A 678 0.88 25.35 11.74
N CYS A 679 -0.27 24.67 11.69
CA CYS A 679 -0.34 23.43 10.94
C CYS A 679 -0.07 23.65 9.46
N MET A 680 -0.41 24.82 8.92
CA MET A 680 -0.04 25.11 7.54
C MET A 680 1.34 25.72 7.41
N GLN A 681 1.92 26.19 8.51
CA GLN A 681 3.34 26.55 8.52
C GLN A 681 4.22 25.31 8.52
N ASP A 682 3.74 24.20 9.07
CA ASP A 682 4.55 23.00 9.18
C ASP A 682 4.92 22.48 7.81
N LYS A 683 6.14 21.95 7.70
CA LYS A 683 6.65 21.48 6.42
C LYS A 683 5.97 20.18 5.99
N MET A 684 5.48 19.38 6.93
CA MET A 684 4.90 18.09 6.57
C MET A 684 3.69 18.30 5.68
N PRO A 685 3.56 17.56 4.57
CA PRO A 685 2.45 17.84 3.65
C PRO A 685 1.08 17.47 4.17
N GLU A 686 0.97 16.38 4.95
CA GLU A 686 -0.35 15.94 5.39
C GLU A 686 -1.02 16.97 6.28
N VAL A 687 -0.28 17.56 7.21
CA VAL A 687 -0.87 18.54 8.11
C VAL A 687 -1.24 19.80 7.35
N ARG A 688 -0.41 20.21 6.39
CA ARG A 688 -0.77 21.34 5.53
C ARG A 688 -2.08 21.07 4.79
N GLN A 689 -2.19 19.88 4.20
CA GLN A 689 -3.41 19.47 3.52
C GLN A 689 -4.62 19.55 4.45
N SER A 690 -4.50 18.96 5.64
CA SER A 690 -5.63 18.93 6.57
C SER A 690 -5.99 20.33 7.05
N SER A 691 -4.99 21.17 7.31
CA SER A 691 -5.26 22.51 7.81
C SER A 691 -5.92 23.36 6.74
N PHE A 692 -5.52 23.20 5.47
CA PHE A 692 -6.20 23.92 4.41
C PHE A 692 -7.64 23.42 4.24
N ALA A 693 -7.85 22.11 4.43
CA ALA A 693 -9.22 21.59 4.41
C ALA A 693 -10.06 22.24 5.50
N LEU A 694 -9.50 22.32 6.71
CA LEU A 694 -10.21 22.94 7.82
C LEU A 694 -10.45 24.42 7.54
N LEU A 695 -9.49 25.09 6.91
CA LEU A 695 -9.68 26.48 6.53
C LEU A 695 -10.84 26.63 5.57
N GLY A 696 -10.91 25.75 4.57
CA GLY A 696 -12.03 25.79 3.65
C GLY A 696 -13.37 25.59 4.34
N ASP A 697 -13.42 24.65 5.28
CA ASP A 697 -14.68 24.38 5.98
C ASP A 697 -15.07 25.54 6.88
N LEU A 698 -14.12 26.07 7.65
CA LEU A 698 -14.38 27.25 8.46
C LEU A 698 -14.63 28.49 7.62
N THR A 699 -14.35 28.43 6.31
CA THR A 699 -14.73 29.49 5.41
C THR A 699 -16.13 29.31 4.84
N LYS A 700 -16.57 28.06 4.65
CA LYS A 700 -17.94 27.82 4.22
C LYS A 700 -18.93 28.43 5.21
N ALA A 701 -18.65 28.27 6.51
CA ALA A 701 -19.44 28.87 7.57
C ALA A 701 -18.49 29.45 8.60
N CYS A 702 -18.94 30.50 9.28
CA CYS A 702 -18.16 31.19 10.30
C CYS A 702 -16.94 31.90 9.72
N PHE A 703 -16.97 32.25 8.44
CA PHE A 703 -15.88 33.03 7.86
C PHE A 703 -15.69 34.36 8.59
N GLN A 704 -16.73 34.87 9.22
CA GLN A 704 -16.65 36.19 9.84
C GLN A 704 -15.59 36.23 10.93
N HIS A 705 -15.29 35.10 11.55
CA HIS A 705 -14.23 35.02 12.55
C HIS A 705 -12.87 34.70 11.94
N VAL A 706 -12.85 34.07 10.76
CA VAL A 706 -11.59 33.79 10.08
C VAL A 706 -11.03 35.07 9.45
N LYS A 707 -11.91 35.95 9.00
CA LYS A 707 -11.52 37.05 8.12
C LYS A 707 -10.30 37.84 8.59
N PRO A 708 -10.21 38.27 9.85
CA PRO A 708 -9.05 39.11 10.24
C PRO A 708 -7.71 38.43 10.05
N CYS A 709 -7.67 37.11 9.97
CA CYS A 709 -6.43 36.37 9.80
C CYS A 709 -6.07 36.14 8.33
N ILE A 710 -6.82 36.71 7.40
CA ILE A 710 -6.55 36.45 6.00
C ILE A 710 -5.20 37.04 5.60
N ALA A 711 -4.87 38.22 6.11
CA ALA A 711 -3.59 38.82 5.74
C ALA A 711 -2.43 37.92 6.15
N ASP A 712 -2.60 37.14 7.22
CA ASP A 712 -1.56 36.21 7.64
C ASP A 712 -1.63 34.90 6.86
N PHE A 713 -2.83 34.44 6.51
CA PHE A 713 -2.98 33.16 5.83
C PHE A 713 -2.53 33.25 4.37
N MET A 714 -2.99 34.27 3.67
CA MET A 714 -2.91 34.28 2.21
C MET A 714 -1.48 34.19 1.68
N PRO A 715 -0.52 34.95 2.20
CA PRO A 715 0.84 34.82 1.64
C PRO A 715 1.35 33.39 1.69
N ILE A 716 1.22 32.73 2.84
CA ILE A 716 1.73 31.37 2.95
C ILE A 716 0.87 30.39 2.16
N LEU A 717 -0.44 30.62 2.09
CA LEU A 717 -1.29 29.74 1.29
C LEU A 717 -0.88 29.78 -0.18
N GLY A 718 -0.73 30.98 -0.72
CA GLY A 718 -0.28 31.10 -2.10
C GLY A 718 1.11 30.52 -2.30
N THR A 719 2.01 30.74 -1.34
CA THR A 719 3.35 30.18 -1.44
C THR A 719 3.31 28.66 -1.46
N ASN A 720 2.48 28.07 -0.60
CA ASN A 720 2.35 26.62 -0.52
C ASN A 720 1.72 26.04 -1.78
N LEU A 721 0.88 26.82 -2.46
CA LEU A 721 0.15 26.28 -3.61
C LEU A 721 1.09 25.66 -4.64
N ASN A 722 1.99 26.46 -5.20
CA ASN A 722 2.64 26.11 -6.46
C ASN A 722 3.57 24.90 -6.38
N PRO A 723 4.34 24.72 -5.29
CA PRO A 723 5.26 23.57 -5.23
C PRO A 723 4.56 22.24 -5.53
N GLU A 724 3.24 22.23 -5.43
CA GLU A 724 2.42 21.12 -5.89
C GLU A 724 2.76 19.82 -5.18
N PHE A 725 2.54 19.82 -3.87
CA PHE A 725 2.39 18.58 -3.13
C PHE A 725 0.95 18.16 -3.39
N ILE A 726 0.74 17.17 -4.26
CA ILE A 726 -0.51 17.03 -5.02
C ILE A 726 -1.74 17.31 -4.17
N SER A 727 -1.90 16.57 -3.07
CA SER A 727 -3.09 16.78 -2.24
C SER A 727 -3.07 18.16 -1.59
N VAL A 728 -1.89 18.59 -1.14
CA VAL A 728 -1.79 19.89 -0.49
C VAL A 728 -2.12 21.00 -1.46
N CYS A 729 -1.61 20.92 -2.69
CA CYS A 729 -1.93 21.90 -3.71
C CYS A 729 -3.42 21.90 -4.03
N ASN A 730 -4.02 20.72 -4.14
CA ASN A 730 -5.44 20.65 -4.42
C ASN A 730 -6.26 21.36 -3.35
N ASN A 731 -6.00 21.02 -2.09
CA ASN A 731 -6.74 21.66 -1.00
C ASN A 731 -6.43 23.15 -0.92
N ALA A 732 -5.22 23.56 -1.30
CA ALA A 732 -4.88 24.98 -1.28
C ALA A 732 -5.71 25.75 -2.31
N THR A 733 -5.79 25.21 -3.53
CA THR A 733 -6.65 25.83 -4.54
C THR A 733 -8.08 25.94 -4.02
N TRP A 734 -8.60 24.83 -3.48
CA TRP A 734 -10.00 24.82 -3.04
C TRP A 734 -10.23 25.83 -1.92
N ALA A 735 -9.28 25.94 -0.99
CA ALA A 735 -9.39 26.91 0.08
C ALA A 735 -9.36 28.34 -0.46
N ILE A 736 -8.48 28.60 -1.43
CA ILE A 736 -8.48 29.91 -2.07
C ILE A 736 -9.85 30.20 -2.66
N GLY A 737 -10.45 29.20 -3.31
CA GLY A 737 -11.78 29.40 -3.88
C GLY A 737 -12.79 29.79 -2.82
N GLU A 738 -12.83 29.06 -1.71
CA GLU A 738 -13.78 29.36 -0.65
C GLU A 738 -13.56 30.78 -0.10
N ILE A 739 -12.30 31.10 0.23
CA ILE A 739 -12.05 32.39 0.88
C ILE A 739 -12.28 33.54 -0.09
N SER A 740 -11.97 33.34 -1.37
CA SER A 740 -12.23 34.38 -2.36
C SER A 740 -13.72 34.62 -2.53
N ILE A 741 -14.50 33.55 -2.70
CA ILE A 741 -15.93 33.73 -2.87
C ILE A 741 -16.56 34.29 -1.60
N GLN A 742 -15.93 34.08 -0.45
CA GLN A 742 -16.44 34.71 0.78
C GLN A 742 -16.08 36.19 0.82
N MET A 743 -14.89 36.56 0.33
CA MET A 743 -14.40 37.91 0.51
C MET A 743 -15.16 38.89 -0.37
N GLY A 744 -15.36 38.53 -1.64
CA GLY A 744 -15.96 39.42 -2.59
C GLY A 744 -14.92 40.31 -3.26
N ILE A 745 -15.41 41.45 -3.75
CA ILE A 745 -14.53 42.41 -4.41
C ILE A 745 -13.48 42.99 -3.47
N GLU A 746 -13.65 42.84 -2.17
CA GLU A 746 -12.73 43.43 -1.20
C GLU A 746 -11.36 42.75 -1.22
N MET A 747 -11.21 41.66 -1.98
CA MET A 747 -10.02 40.81 -1.94
C MET A 747 -8.80 41.37 -2.67
N GLN A 748 -8.84 42.59 -3.12
CA GLN A 748 -7.94 43.16 -4.11
C GLN A 748 -6.52 42.63 -4.10
N PRO A 749 -5.80 42.67 -2.97
CA PRO A 749 -4.36 42.35 -3.04
C PRO A 749 -4.07 40.87 -3.17
N TYR A 750 -4.92 40.00 -2.66
CA TYR A 750 -4.56 38.59 -2.61
C TYR A 750 -4.70 37.90 -3.97
N ILE A 751 -5.18 38.60 -4.99
CA ILE A 751 -5.47 38.01 -6.29
C ILE A 751 -4.20 37.92 -7.12
N PRO A 752 -3.40 38.98 -7.22
CA PRO A 752 -2.16 38.87 -8.00
C PRO A 752 -1.24 37.76 -7.51
N MET A 753 -1.07 37.62 -6.19
CA MET A 753 -0.10 36.67 -5.66
C MET A 753 -0.53 35.22 -5.89
N VAL A 754 -1.83 34.97 -6.11
CA VAL A 754 -2.31 33.62 -6.28
C VAL A 754 -2.57 33.30 -7.75
N LEU A 755 -2.94 34.32 -8.52
CA LEU A 755 -3.37 34.09 -9.91
C LEU A 755 -2.21 33.58 -10.77
N HIS A 756 -1.04 34.18 -10.61
CA HIS A 756 0.11 33.73 -11.40
C HIS A 756 0.45 32.29 -11.07
N GLN A 757 0.45 31.95 -9.78
CA GLN A 757 0.69 30.57 -9.37
C GLN A 757 -0.36 29.64 -9.96
N LEU A 758 -1.61 30.07 -9.96
CA LEU A 758 -2.70 29.20 -10.42
C LEU A 758 -2.58 28.94 -11.92
N VAL A 759 -2.35 29.97 -12.72
CA VAL A 759 -2.17 29.75 -14.15
C VAL A 759 -0.90 28.97 -14.42
N GLU A 760 0.11 29.09 -13.57
CA GLU A 760 1.28 28.22 -13.70
C GLU A 760 0.90 26.77 -13.48
N ILE A 761 0.03 26.51 -12.50
CA ILE A 761 -0.48 25.16 -12.31
C ILE A 761 -1.23 24.69 -13.54
N ILE A 762 -2.08 25.56 -14.11
CA ILE A 762 -2.80 25.20 -15.32
C ILE A 762 -1.85 25.00 -16.49
N ASN A 763 -0.66 25.59 -16.46
CA ASN A 763 0.33 25.34 -17.49
C ASN A 763 0.83 23.90 -17.49
N ARG A 764 0.59 23.14 -16.43
CA ARG A 764 1.19 21.82 -16.29
C ARG A 764 0.14 20.77 -16.65
N PRO A 765 0.21 20.15 -17.83
CA PRO A 765 -0.72 19.05 -18.13
C PRO A 765 -0.52 17.82 -17.26
N ASN A 766 0.63 17.69 -16.60
CA ASN A 766 0.88 16.54 -15.75
C ASN A 766 0.05 16.56 -14.46
N THR A 767 -0.66 17.66 -14.19
CA THR A 767 -1.48 17.73 -12.98
C THR A 767 -2.59 16.69 -13.04
N PRO A 768 -2.86 15.98 -11.94
CA PRO A 768 -4.02 15.08 -11.91
C PRO A 768 -5.32 15.85 -12.07
N LYS A 769 -6.34 15.14 -12.55
CA LYS A 769 -7.55 15.80 -13.02
C LYS A 769 -8.27 16.53 -11.89
N THR A 770 -8.31 15.95 -10.69
CA THR A 770 -8.98 16.64 -9.58
C THR A 770 -8.28 17.96 -9.27
N LEU A 771 -6.95 17.95 -9.21
CA LEU A 771 -6.20 19.16 -8.89
C LEU A 771 -6.42 20.22 -9.95
N LEU A 772 -6.34 19.83 -11.23
CA LEU A 772 -6.51 20.79 -12.31
C LEU A 772 -7.95 21.32 -12.35
N GLU A 773 -8.92 20.44 -12.09
CA GLU A 773 -10.32 20.86 -12.06
C GLU A 773 -10.56 21.90 -10.97
N ASN A 774 -10.01 21.65 -9.77
CA ASN A 774 -10.19 22.62 -8.69
C ASN A 774 -9.41 23.90 -8.99
N THR A 775 -8.27 23.80 -9.65
CA THR A 775 -7.55 25.00 -10.08
C THR A 775 -8.43 25.84 -11.01
N ALA A 776 -9.08 25.19 -11.97
CA ALA A 776 -9.97 25.90 -12.88
C ALA A 776 -11.17 26.48 -12.15
N ILE A 777 -11.74 25.71 -11.21
CA ILE A 777 -12.87 26.19 -10.42
C ILE A 777 -12.49 27.46 -9.66
N THR A 778 -11.31 27.46 -9.05
CA THR A 778 -10.90 28.60 -8.26
C THR A 778 -10.47 29.78 -9.13
N ILE A 779 -9.91 29.50 -10.31
CA ILE A 779 -9.69 30.55 -11.30
C ILE A 779 -11.01 31.23 -11.64
N GLY A 780 -12.06 30.42 -11.86
CA GLY A 780 -13.36 30.99 -12.15
C GLY A 780 -13.91 31.81 -11.01
N ARG A 781 -13.81 31.29 -9.79
CA ARG A 781 -14.30 32.04 -8.63
C ARG A 781 -13.56 33.37 -8.49
N LEU A 782 -12.24 33.36 -8.65
CA LEU A 782 -11.47 34.59 -8.60
C LEU A 782 -11.90 35.55 -9.69
N GLY A 783 -12.10 35.04 -10.91
CA GLY A 783 -12.59 35.88 -11.99
C GLY A 783 -13.95 36.46 -11.68
N TYR A 784 -14.75 35.76 -10.89
CA TYR A 784 -16.03 36.31 -10.48
C TYR A 784 -15.85 37.47 -9.50
N VAL A 785 -15.08 37.26 -8.43
CA VAL A 785 -15.09 38.26 -7.37
C VAL A 785 -14.15 39.41 -7.68
N CYS A 786 -13.08 39.18 -8.45
CA CYS A 786 -12.09 40.21 -8.76
C CYS A 786 -11.61 40.06 -10.20
N PRO A 787 -12.42 40.50 -11.17
CA PRO A 787 -12.04 40.31 -12.57
C PRO A 787 -10.78 41.05 -13.00
N GLN A 788 -10.51 42.23 -12.43
CA GLN A 788 -9.55 43.15 -13.05
C GLN A 788 -8.17 42.51 -13.16
N GLU A 789 -7.76 41.75 -12.15
CA GLU A 789 -6.45 41.11 -12.20
C GLU A 789 -6.45 39.90 -13.14
N VAL A 790 -7.60 39.24 -13.29
CA VAL A 790 -7.68 38.06 -14.15
C VAL A 790 -7.87 38.43 -15.62
N ALA A 791 -8.15 39.70 -15.91
CA ALA A 791 -8.48 40.10 -17.27
C ALA A 791 -7.49 39.66 -18.33
N PRO A 792 -6.18 39.66 -18.09
CA PRO A 792 -5.24 39.27 -19.17
C PRO A 792 -5.21 37.78 -19.47
N MET A 793 -5.68 36.92 -18.56
CA MET A 793 -5.25 35.53 -18.53
C MET A 793 -6.23 34.57 -19.21
N LEU A 794 -7.32 35.07 -19.79
CA LEU A 794 -8.34 34.16 -20.32
C LEU A 794 -7.75 33.22 -21.36
N GLN A 795 -6.97 33.76 -22.31
CA GLN A 795 -6.44 32.92 -23.37
C GLN A 795 -5.58 31.80 -22.82
N GLN A 796 -4.94 32.02 -21.66
CA GLN A 796 -4.00 31.04 -21.13
C GLN A 796 -4.68 29.87 -20.45
N PHE A 797 -5.89 30.06 -19.90
CA PHE A 797 -6.54 29.02 -19.11
C PHE A 797 -7.86 28.52 -19.67
N ILE A 798 -8.49 29.22 -20.61
CA ILE A 798 -9.86 28.89 -21.00
C ILE A 798 -9.94 27.46 -21.54
N ARG A 799 -8.95 27.03 -22.34
CA ARG A 799 -9.04 25.71 -22.96
C ARG A 799 -9.01 24.60 -21.92
N PRO A 800 -7.93 24.42 -21.14
CA PRO A 800 -7.96 23.38 -20.10
C PRO A 800 -9.07 23.60 -19.09
N TRP A 801 -9.41 24.86 -18.82
CA TRP A 801 -10.54 25.16 -17.95
C TRP A 801 -11.80 24.48 -18.47
N CYS A 802 -12.07 24.61 -19.77
CA CYS A 802 -13.20 23.93 -20.39
C CYS A 802 -13.06 22.41 -20.27
N THR A 803 -11.92 21.88 -20.71
CA THR A 803 -11.79 20.42 -20.79
C THR A 803 -11.84 19.77 -19.42
N SER A 804 -11.56 20.52 -18.36
CA SER A 804 -11.66 19.99 -17.01
C SER A 804 -13.05 20.15 -16.44
N LEU A 805 -13.60 21.37 -16.46
CA LEU A 805 -14.88 21.62 -15.84
C LEU A 805 -16.05 21.01 -16.61
N ARG A 806 -15.84 20.53 -17.84
CA ARG A 806 -16.93 19.88 -18.54
C ARG A 806 -17.36 18.56 -17.89
N ASN A 807 -16.57 18.03 -16.95
CA ASN A 807 -16.86 16.73 -16.32
C ASN A 807 -17.12 16.84 -14.82
N ILE A 808 -17.62 17.98 -14.36
CA ILE A 808 -18.08 18.13 -12.99
C ILE A 808 -19.58 18.46 -13.03
N ARG A 809 -20.33 17.86 -12.11
CA ARG A 809 -21.78 17.73 -12.25
C ARG A 809 -22.51 18.92 -11.62
N ASP A 810 -22.29 20.08 -12.24
CA ASP A 810 -23.23 21.21 -12.15
C ASP A 810 -23.59 21.57 -10.70
N ASN A 811 -22.58 21.65 -9.84
CA ASN A 811 -22.81 22.08 -8.47
C ASN A 811 -22.52 23.57 -8.33
N GLU A 812 -22.69 24.09 -7.10
CA GLU A 812 -22.47 25.52 -6.88
C GLU A 812 -21.05 25.94 -7.18
N GLU A 813 -20.08 25.04 -6.98
CA GLU A 813 -18.70 25.36 -7.36
C GLU A 813 -18.61 25.62 -8.86
N LYS A 814 -19.15 24.71 -9.66
CA LYS A 814 -19.20 24.92 -11.10
C LYS A 814 -20.03 26.15 -11.44
N ASP A 815 -21.14 26.37 -10.73
CA ASP A 815 -21.97 27.53 -11.01
C ASP A 815 -21.19 28.82 -10.85
N SER A 816 -20.49 28.97 -9.72
CA SER A 816 -19.72 30.18 -9.48
C SER A 816 -18.53 30.30 -10.43
N ALA A 817 -17.90 29.17 -10.77
CA ALA A 817 -16.78 29.24 -11.70
C ALA A 817 -17.23 29.69 -13.09
N PHE A 818 -18.38 29.19 -13.55
CA PHE A 818 -18.89 29.62 -14.85
C PHE A 818 -19.37 31.06 -14.79
N ARG A 819 -19.98 31.45 -13.67
CA ARG A 819 -20.29 32.86 -13.44
C ARG A 819 -19.03 33.71 -13.57
N GLY A 820 -17.91 33.22 -13.03
CA GLY A 820 -16.68 33.96 -13.15
C GLY A 820 -16.18 34.07 -14.58
N ILE A 821 -16.20 32.97 -15.32
CA ILE A 821 -15.72 33.01 -16.70
C ILE A 821 -16.64 33.88 -17.55
N CYS A 822 -17.94 33.85 -17.29
CA CYS A 822 -18.86 34.74 -17.97
C CYS A 822 -18.51 36.19 -17.68
N THR A 823 -18.25 36.51 -16.41
CA THR A 823 -17.81 37.85 -16.04
C THR A 823 -16.53 38.21 -16.78
N MET A 824 -15.60 37.27 -16.88
CA MET A 824 -14.31 37.55 -17.51
C MET A 824 -14.49 37.87 -18.99
N ILE A 825 -15.27 37.05 -19.69
CA ILE A 825 -15.50 37.28 -21.12
C ILE A 825 -16.26 38.59 -21.34
N SER A 826 -17.22 38.89 -20.45
CA SER A 826 -17.87 40.20 -20.52
C SER A 826 -16.86 41.32 -20.30
N VAL A 827 -15.82 41.06 -19.51
CA VAL A 827 -14.80 42.08 -19.27
C VAL A 827 -13.77 42.11 -20.40
N ASN A 828 -13.47 40.96 -21.00
CA ASN A 828 -12.55 40.88 -22.15
C ASN A 828 -13.03 39.79 -23.10
N PRO A 829 -13.80 40.14 -24.12
CA PRO A 829 -14.07 39.17 -25.19
C PRO A 829 -12.83 38.81 -26.00
N SER A 830 -11.89 39.74 -26.15
CA SER A 830 -10.73 39.51 -27.00
C SER A 830 -9.94 38.29 -26.56
N GLY A 831 -10.00 37.94 -25.28
CA GLY A 831 -9.20 36.85 -24.76
C GLY A 831 -9.69 35.47 -25.13
N VAL A 832 -10.86 35.36 -25.76
CA VAL A 832 -11.46 34.06 -26.04
C VAL A 832 -11.91 33.95 -27.49
N ILE A 833 -11.55 34.94 -28.33
CA ILE A 833 -12.00 34.93 -29.72
C ILE A 833 -11.59 33.62 -30.39
N GLN A 834 -10.35 33.20 -30.19
CA GLN A 834 -9.82 31.99 -30.79
C GLN A 834 -10.22 30.73 -30.03
N ASP A 835 -11.09 30.86 -29.02
CA ASP A 835 -11.41 29.75 -28.13
C ASP A 835 -12.90 29.61 -27.84
N PHE A 836 -13.76 30.30 -28.58
CA PHE A 836 -15.19 30.20 -28.30
C PHE A 836 -15.72 28.77 -28.41
N ILE A 837 -15.04 27.90 -29.16
CA ILE A 837 -15.50 26.51 -29.22
C ILE A 837 -15.41 25.86 -27.85
N PHE A 838 -14.33 26.14 -27.11
CA PHE A 838 -14.22 25.62 -25.75
C PHE A 838 -15.28 26.21 -24.84
N PHE A 839 -15.57 27.50 -24.98
CA PHE A 839 -16.63 28.10 -24.18
C PHE A 839 -17.98 27.43 -24.47
N CYS A 840 -18.26 27.18 -25.76
CA CYS A 840 -19.51 26.51 -26.13
C CYS A 840 -19.57 25.10 -25.55
N ASP A 841 -18.46 24.37 -25.61
CA ASP A 841 -18.42 23.03 -25.03
C ASP A 841 -18.72 23.09 -23.53
N ALA A 842 -18.04 24.00 -22.82
CA ALA A 842 -18.23 24.11 -21.38
C ALA A 842 -19.68 24.47 -21.05
N VAL A 843 -20.24 25.43 -21.78
CA VAL A 843 -21.62 25.84 -21.54
C VAL A 843 -22.57 24.70 -21.86
N ALA A 844 -22.27 23.90 -22.87
CA ALA A 844 -23.11 22.77 -23.22
C ALA A 844 -23.02 21.63 -22.21
N SER A 845 -21.92 21.56 -21.46
CA SER A 845 -21.81 20.52 -20.43
C SER A 845 -22.90 20.66 -19.37
N TRP A 846 -23.48 21.84 -19.21
CA TRP A 846 -24.56 22.02 -18.24
C TRP A 846 -25.84 21.36 -18.75
N ILE A 847 -26.49 20.61 -17.87
CA ILE A 847 -27.78 19.98 -18.16
C ILE A 847 -28.85 20.73 -17.36
N ASN A 848 -29.67 21.50 -18.07
CA ASN A 848 -30.75 22.27 -17.47
C ASN A 848 -30.26 23.12 -16.29
N PRO A 849 -29.41 24.12 -16.55
CA PRO A 849 -28.90 24.96 -15.47
C PRO A 849 -29.96 25.91 -14.94
N LYS A 850 -29.59 26.63 -13.89
CA LYS A 850 -30.47 27.63 -13.30
C LYS A 850 -30.85 28.69 -14.33
N ASP A 851 -31.95 29.39 -14.05
CA ASP A 851 -32.48 30.36 -15.01
C ASP A 851 -31.54 31.55 -15.16
N ASP A 852 -30.95 32.03 -14.07
CA ASP A 852 -30.05 33.17 -14.19
C ASP A 852 -28.75 32.78 -14.88
N LEU A 853 -28.21 31.60 -14.55
CA LEU A 853 -27.04 31.10 -15.26
C LEU A 853 -27.36 30.84 -16.72
N ARG A 854 -28.53 30.26 -16.99
CA ARG A 854 -28.98 30.08 -18.36
C ARG A 854 -29.04 31.41 -19.09
N ASP A 855 -29.54 32.44 -18.43
CA ASP A 855 -29.66 33.75 -19.05
C ASP A 855 -28.29 34.39 -19.29
N MET A 856 -27.36 34.18 -18.37
CA MET A 856 -26.00 34.68 -18.59
C MET A 856 -25.38 34.03 -19.82
N PHE A 857 -25.45 32.70 -19.90
CA PHE A 857 -24.96 32.01 -21.09
C PHE A 857 -25.67 32.53 -22.34
N CYS A 858 -26.99 32.66 -22.27
CA CYS A 858 -27.78 33.09 -23.43
C CYS A 858 -27.37 34.47 -23.90
N LYS A 859 -27.31 35.43 -22.97
CA LYS A 859 -26.99 36.80 -23.33
C LYS A 859 -25.59 36.91 -23.89
N ILE A 860 -24.62 36.21 -23.28
CA ILE A 860 -23.25 36.34 -23.78
C ILE A 860 -23.08 35.62 -25.11
N LEU A 861 -23.79 34.51 -25.33
CA LEU A 861 -23.77 33.86 -26.64
C LEU A 861 -24.35 34.75 -27.72
N HIS A 862 -25.54 35.31 -27.47
CA HIS A 862 -26.10 36.26 -28.43
C HIS A 862 -25.26 37.52 -28.53
N GLY A 863 -24.39 37.76 -27.57
CA GLY A 863 -23.41 38.82 -27.67
C GLY A 863 -22.33 38.53 -28.66
N PHE A 864 -21.54 37.47 -28.45
CA PHE A 864 -20.41 37.23 -29.32
C PHE A 864 -20.78 36.52 -30.62
N LYS A 865 -22.06 36.19 -30.82
CA LYS A 865 -22.51 35.86 -32.17
C LYS A 865 -22.63 37.11 -33.04
N ASN A 866 -22.74 38.28 -32.41
CA ASN A 866 -22.79 39.57 -33.10
C ASN A 866 -21.53 40.39 -32.89
N GLN A 867 -21.03 40.44 -31.67
CA GLN A 867 -19.87 41.27 -31.34
C GLN A 867 -18.61 40.74 -31.99
N GLU A 871 -22.42 33.59 -38.21
CA GLU A 871 -21.49 32.63 -38.82
C GLU A 871 -20.67 31.92 -37.77
N ASN A 872 -19.98 32.71 -36.93
CA ASN A 872 -19.07 32.14 -35.94
C ASN A 872 -19.83 31.28 -34.93
N TRP A 873 -20.92 31.81 -34.37
CA TRP A 873 -21.69 31.05 -33.41
C TRP A 873 -22.33 29.82 -34.05
N ARG A 874 -22.81 29.96 -35.29
CA ARG A 874 -23.36 28.82 -36.00
C ARG A 874 -22.30 27.74 -36.21
N ARG A 875 -21.10 28.14 -36.66
CA ARG A 875 -20.04 27.17 -36.87
C ARG A 875 -19.61 26.50 -35.56
N PHE A 876 -19.54 27.28 -34.48
CA PHE A 876 -19.20 26.70 -33.19
C PHE A 876 -20.23 25.66 -32.77
N SER A 877 -21.51 26.01 -32.81
CA SER A 877 -22.55 25.08 -32.41
C SER A 877 -22.58 23.85 -33.31
N ASP A 878 -22.13 23.99 -34.56
CA ASP A 878 -22.09 22.84 -35.45
C ASP A 878 -21.05 21.80 -35.05
N GLN A 879 -20.12 22.13 -34.15
CA GLN A 879 -19.09 21.19 -33.75
C GLN A 879 -19.59 20.11 -32.81
N PHE A 880 -20.79 20.25 -32.27
CA PHE A 880 -21.32 19.38 -31.22
C PHE A 880 -22.40 18.46 -31.75
N PRO A 881 -22.72 17.39 -31.02
CA PRO A 881 -23.83 16.53 -31.43
C PRO A 881 -25.17 17.22 -31.21
N LEU A 882 -26.23 16.58 -31.71
CA LEU A 882 -27.58 17.16 -31.65
C LEU A 882 -27.96 17.69 -30.28
N PRO A 883 -27.77 16.96 -29.17
CA PRO A 883 -28.15 17.51 -27.86
C PRO A 883 -27.52 18.86 -27.54
N LEU A 884 -26.20 18.97 -27.66
CA LEU A 884 -25.51 20.19 -27.26
C LEU A 884 -25.86 21.35 -28.18
N LYS A 885 -25.89 21.12 -29.49
CA LYS A 885 -26.28 22.17 -30.42
C LYS A 885 -27.71 22.63 -30.17
N GLU A 886 -28.61 21.69 -29.88
CA GLU A 886 -29.98 22.05 -29.55
C GLU A 886 -30.04 22.88 -28.28
N ARG A 887 -29.25 22.53 -27.27
CA ARG A 887 -29.20 23.32 -26.05
C ARG A 887 -28.73 24.74 -26.36
N LEU A 888 -27.70 24.86 -27.19
CA LEU A 888 -27.19 26.18 -27.56
C LEU A 888 -28.27 27.00 -28.26
N ALA A 889 -28.99 26.36 -29.20
CA ALA A 889 -30.03 27.07 -29.92
C ALA A 889 -31.15 27.51 -28.99
N ALA A 890 -31.54 26.64 -28.05
CA ALA A 890 -32.60 26.99 -27.10
C ALA A 890 -32.19 28.17 -26.24
N PHE A 891 -30.94 28.19 -25.82
CA PHE A 891 -30.42 29.32 -25.03
C PHE A 891 -30.49 30.59 -25.85
N MET B 105 -6.90 1.65 2.09
CA MET B 105 -8.23 1.91 1.46
C MET B 105 -8.98 0.60 1.28
N GLN B 106 -8.40 -0.32 0.50
CA GLN B 106 -9.13 -1.53 0.13
C GLN B 106 -9.14 -2.51 1.29
N ARG B 107 -10.23 -3.27 1.37
CA ARG B 107 -10.46 -4.14 2.50
C ARG B 107 -9.56 -5.36 2.43
N PRO B 108 -9.42 -6.09 3.54
CA PRO B 108 -8.66 -7.35 3.50
C PRO B 108 -9.26 -8.32 2.51
N GLY B 109 -8.38 -9.09 1.85
CA GLY B 109 -8.79 -10.10 0.92
C GLY B 109 -8.09 -11.42 1.18
N PRO B 110 -8.53 -12.48 0.49
CA PRO B 110 -7.93 -13.79 0.73
C PRO B 110 -6.58 -14.00 0.07
N TYR B 111 -6.25 -13.25 -0.98
CA TYR B 111 -4.95 -13.39 -1.63
C TYR B 111 -4.18 -12.07 -1.58
N ASP B 112 -4.13 -11.45 -0.40
CA ASP B 112 -3.39 -10.22 -0.20
C ASP B 112 -1.95 -10.54 0.20
N ARG B 113 -1.01 -9.84 -0.42
CA ARG B 113 0.40 -10.10 -0.16
C ARG B 113 0.84 -9.37 1.11
N PRO B 114 1.49 -10.04 2.05
CA PRO B 114 2.02 -9.32 3.22
C PRO B 114 2.93 -8.18 2.76
N GLY B 115 2.74 -7.01 3.37
CA GLY B 115 3.39 -5.82 2.89
C GLY B 115 2.64 -5.23 1.72
N ALA B 116 1.33 -5.03 1.89
CA ALA B 116 0.45 -4.57 0.82
C ALA B 116 1.06 -3.45 0.00
#